data_8CCY
#
_entry.id   8CCY
#
_cell.length_a   1.00
_cell.length_b   1.00
_cell.length_c   1.00
_cell.angle_alpha   90.00
_cell.angle_beta   90.00
_cell.angle_gamma   90.00
#
_symmetry.space_group_name_H-M   'P 1'
#
loop_
_entity.id
_entity.type
_entity.pdbx_description
1 polymer 'Bifunctional heparan sulfate N-deacetylase/N-sulfotransferase 1'
2 non-polymer "ADENOSINE-3'-5'-DIPHOSPHATE"
3 non-polymer 'CALCIUM ION'
4 water water
#
_entity_poly.entity_id   1
_entity_poly.type   'polypeptide(L)'
_entity_poly.pdbx_seq_one_letter_code
;SRTDPLVLVFVESLYSQLGQEVVAILESSRFKYRTEIAPGKGDMPTLTDKGRGRFALIIYENILKYVNLDAWNRELLDKY
CVAYGVGIIGFFKANENSLLSAQLKGFPLFLHSNLGLKDCSINPKSPLLYVTRPSEVEKGVLPGEDWTVFQSNHSTYEPV
LLAKTRSSESIPHLGADAGLHAALHATVVQDLGLHDGIQRVLFGNNLNFWLHKLVFVDAVAFLTGKRLSLPLDRYILVDI
DDIFVGKEGTRMKVEDVKALFDTQNELRAHIPNFTFNLGYSGKFFHTGTNAEDAGDDLLLSYVKEFWWFPHMWSHMQPHL
FHNQSVLAEQMALNKKFAVEHGIPTDMGYAVAPHHSGVYPVHVQLYEAWKQVWSIRVTSTEEYPHLKPARYRRGFIHNGI
MVLPRQTCGLFTHTIFYNEYPGGSSELDKIINGGELFLTVLLNPISIFMTHLSNYGNDRLGLYTFKHLVRFLHSWTNLRL
QTLPPVQLAQKYFQIFSEEKDPLWQDPCEDKRHKDIWSKEKTCDRFPKLLIIGPQKTGTTALYLFLGMHPDLSSNYPSSE
TFEEIQFFNGHNYHKGIDWYMEFFPIPSNTTSDFYFEKSANYFDSEVAPRRAAALLPKAKVLTILINPADRAYSWYQHQR
AHDDPVALKYTFHEVITAGSDASSKLRALQNRCLVPGWYATHIERWLSAYHANQILVLDGKLLRTEPAKVMDMVQKFLGV
TNTIDYHKTLAFDPKKGFWCQLLEGGKTKCLGKSKGRKYPEMDLDSRAFLKDYYRDHNIELSKLLYKMGQTLPTWLREDL
QNTR
;
_entity_poly.pdbx_strand_id   A
#
loop_
_chem_comp.id
_chem_comp.type
_chem_comp.name
_chem_comp.formula
A3P RNA linking ADENOSINE-3'-5'-DIPHOSPHATE 'C10 H15 N5 O10 P2'
CA non-polymer 'CALCIUM ION' 'Ca 2'
#
# COMPACT_ATOMS: atom_id res chain seq x y z
N THR A 3 4.17 6.77 23.84
CA THR A 3 4.67 5.55 23.21
C THR A 3 4.28 5.51 21.73
N ASP A 4 4.93 4.63 20.97
CA ASP A 4 4.60 4.46 19.58
C ASP A 4 3.26 3.72 19.45
N PRO A 5 2.48 4.02 18.40
CA PRO A 5 1.17 3.37 18.25
C PRO A 5 1.20 1.95 17.72
N LEU A 6 2.36 1.29 17.70
CA LEU A 6 2.42 -0.10 17.28
C LEU A 6 1.75 -1.01 18.30
N VAL A 7 1.07 -2.03 17.82
CA VAL A 7 0.41 -3.01 18.67
C VAL A 7 1.33 -4.22 18.79
N LEU A 8 1.74 -4.53 20.02
CA LEU A 8 2.64 -5.64 20.28
C LEU A 8 1.81 -6.92 20.39
N VAL A 9 1.90 -7.78 19.38
CA VAL A 9 1.02 -8.92 19.24
C VAL A 9 1.82 -10.18 19.53
N PHE A 10 1.41 -10.93 20.55
CA PHE A 10 2.01 -12.21 20.87
C PHE A 10 1.04 -13.33 20.51
N VAL A 11 1.44 -14.17 19.55
CA VAL A 11 0.62 -15.27 19.08
C VAL A 11 1.48 -16.53 19.05
N GLU A 12 0.85 -17.67 19.35
CA GLU A 12 1.58 -18.92 19.55
C GLU A 12 2.29 -19.39 18.29
N SER A 13 1.62 -19.29 17.14
CA SER A 13 2.21 -19.67 15.86
C SER A 13 1.89 -18.59 14.83
N LEU A 14 2.41 -18.77 13.62
CA LEU A 14 2.19 -17.81 12.54
C LEU A 14 0.94 -18.12 11.74
N TYR A 15 0.21 -19.19 12.07
CA TYR A 15 -0.96 -19.61 11.33
C TYR A 15 -2.16 -19.89 12.22
N SER A 16 -2.12 -19.47 13.49
CA SER A 16 -3.26 -19.67 14.38
C SER A 16 -4.43 -18.78 13.97
N GLN A 17 -5.64 -19.29 14.16
CA GLN A 17 -6.84 -18.62 13.68
C GLN A 17 -7.15 -17.36 14.50
N LEU A 18 -6.96 -17.43 15.81
CA LEU A 18 -7.26 -16.28 16.67
C LEU A 18 -6.29 -15.14 16.42
N GLY A 19 -5.01 -15.45 16.24
CA GLY A 19 -4.04 -14.41 15.94
C GLY A 19 -4.26 -13.76 14.58
N GLN A 20 -4.69 -14.55 13.59
CA GLN A 20 -4.97 -13.99 12.28
C GLN A 20 -6.24 -13.14 12.31
N GLU A 21 -7.22 -13.52 13.12
CA GLU A 21 -8.43 -12.71 13.26
C GLU A 21 -8.13 -11.37 13.92
N VAL A 22 -7.24 -11.36 14.92
CA VAL A 22 -6.83 -10.11 15.54
C VAL A 22 -6.07 -9.24 14.54
N VAL A 23 -5.15 -9.86 13.78
CA VAL A 23 -4.37 -9.12 12.79
C VAL A 23 -5.28 -8.59 11.68
N ALA A 24 -6.29 -9.36 11.29
CA ALA A 24 -7.25 -8.91 10.28
C ALA A 24 -8.05 -7.70 10.77
N ILE A 25 -8.43 -7.69 12.05
CA ILE A 25 -9.14 -6.55 12.61
C ILE A 25 -8.23 -5.32 12.65
N LEU A 26 -6.98 -5.50 13.07
CA LEU A 26 -6.04 -4.37 13.15
C LEU A 26 -5.69 -3.86 11.76
N GLU A 27 -5.58 -4.75 10.77
CA GLU A 27 -5.31 -4.31 9.41
C GLU A 27 -6.50 -3.59 8.79
N SER A 28 -7.71 -4.03 9.13
CA SER A 28 -8.91 -3.36 8.63
C SER A 28 -9.07 -1.98 9.24
N SER A 29 -8.55 -1.78 10.45
CA SER A 29 -8.65 -0.51 11.16
C SER A 29 -7.40 0.34 11.02
N ARG A 30 -6.46 -0.07 10.16
CA ARG A 30 -5.17 0.61 9.94
C ARG A 30 -4.38 0.76 11.24
N PHE A 31 -4.43 -0.26 12.08
CA PHE A 31 -3.71 -0.27 13.35
C PHE A 31 -2.39 -1.00 13.15
N LYS A 32 -1.29 -0.26 13.29
CA LYS A 32 0.04 -0.84 13.08
C LYS A 32 0.36 -1.85 14.17
N TYR A 33 0.90 -2.99 13.74
CA TYR A 33 1.10 -4.12 14.64
C TYR A 33 2.46 -4.75 14.38
N ARG A 34 3.01 -5.38 15.40
CA ARG A 34 4.26 -6.14 15.32
C ARG A 34 3.98 -7.55 15.85
N THR A 35 3.77 -8.49 14.95
CA THR A 35 3.51 -9.87 15.35
C THR A 35 4.80 -10.53 15.84
N GLU A 36 4.73 -11.16 17.00
CA GLU A 36 5.87 -11.86 17.58
C GLU A 36 5.41 -13.21 18.11
N ILE A 37 6.36 -14.13 18.21
CA ILE A 37 6.10 -15.42 18.83
C ILE A 37 6.04 -15.22 20.34
N ALA A 38 4.99 -15.75 20.96
CA ALA A 38 4.78 -15.58 22.40
C ALA A 38 5.86 -16.33 23.17
N PRO A 39 6.60 -15.67 24.07
CA PRO A 39 7.69 -16.36 24.78
C PRO A 39 7.19 -17.33 25.84
N GLY A 40 7.38 -18.62 25.60
CA GLY A 40 7.14 -19.63 26.62
C GLY A 40 8.33 -19.73 27.54
N LYS A 41 8.47 -18.74 28.42
CA LYS A 41 9.68 -18.51 29.22
C LYS A 41 10.93 -18.44 28.34
N GLY A 42 10.80 -17.72 27.22
CA GLY A 42 11.88 -17.58 26.25
C GLY A 42 12.51 -16.21 26.23
N ASP A 43 12.30 -15.45 25.16
CA ASP A 43 12.95 -14.15 24.99
C ASP A 43 11.90 -13.07 24.81
N MET A 44 12.03 -11.99 25.58
CA MET A 44 11.19 -10.81 25.47
C MET A 44 11.85 -9.80 24.53
N PRO A 45 11.14 -9.32 23.51
CA PRO A 45 11.72 -8.30 22.63
C PRO A 45 11.86 -6.97 23.33
N THR A 46 12.64 -6.08 22.71
CA THR A 46 12.88 -4.76 23.27
C THR A 46 11.61 -3.94 23.29
N LEU A 47 11.38 -3.24 24.40
CA LEU A 47 10.13 -2.54 24.63
C LEU A 47 10.26 -1.02 24.61
N THR A 48 11.40 -0.48 25.01
CA THR A 48 11.62 0.96 25.04
C THR A 48 12.80 1.33 24.15
N ASP A 49 12.65 2.42 23.40
CA ASP A 49 13.70 2.90 22.52
C ASP A 49 13.81 4.41 22.66
N LYS A 50 15.04 4.89 22.88
CA LYS A 50 15.35 6.32 23.05
C LYS A 50 14.55 6.93 24.20
N GLY A 51 14.39 6.17 25.28
CA GLY A 51 13.67 6.65 26.44
C GLY A 51 12.16 6.58 26.35
N ARG A 52 11.61 6.07 25.25
CA ARG A 52 10.16 6.01 25.06
C ARG A 52 9.79 4.61 24.60
N GLY A 53 8.59 4.18 25.01
CA GLY A 53 8.11 2.86 24.64
C GLY A 53 7.78 2.77 23.15
N ARG A 54 7.88 1.56 22.63
CA ARG A 54 7.62 1.29 21.22
C ARG A 54 6.24 0.71 20.96
N PHE A 55 5.47 0.43 22.02
CA PHE A 55 4.15 -0.18 21.87
C PHE A 55 3.17 0.52 22.80
N ALA A 56 2.01 0.92 22.25
CA ALA A 56 0.97 1.53 23.06
C ALA A 56 -0.01 0.52 23.62
N LEU A 57 -0.06 -0.69 23.06
CA LEU A 57 -1.00 -1.71 23.50
C LEU A 57 -0.42 -3.07 23.13
N ILE A 58 -0.51 -4.02 24.05
CA ILE A 58 -0.08 -5.39 23.80
C ILE A 58 -1.31 -6.29 23.82
N ILE A 59 -1.32 -7.29 22.95
CA ILE A 59 -2.41 -8.25 22.83
C ILE A 59 -1.84 -9.65 22.99
N TYR A 60 -2.55 -10.49 23.73
CA TYR A 60 -2.10 -11.82 24.11
C TYR A 60 -3.18 -12.83 23.72
N GLU A 61 -2.94 -13.60 22.65
CA GLU A 61 -3.93 -14.58 22.23
C GLU A 61 -3.94 -15.82 23.09
N ASN A 62 -2.93 -16.01 23.94
CA ASN A 62 -2.90 -17.10 24.91
C ASN A 62 -2.35 -16.49 26.19
N ILE A 63 -3.25 -16.02 27.05
CA ILE A 63 -2.88 -15.29 28.26
C ILE A 63 -2.13 -16.15 29.26
N LEU A 64 -2.21 -17.48 29.11
CA LEU A 64 -1.40 -18.37 29.94
C LEU A 64 0.09 -18.24 29.64
N LYS A 65 0.46 -17.72 28.47
CA LYS A 65 1.85 -17.43 28.19
C LYS A 65 2.31 -16.11 28.81
N TYR A 66 1.39 -15.32 29.35
CA TYR A 66 1.71 -14.18 30.20
C TYR A 66 1.69 -14.52 31.67
N VAL A 67 0.75 -15.38 32.07
CA VAL A 67 0.66 -15.83 33.46
C VAL A 67 1.86 -16.72 33.81
N ASN A 68 2.20 -17.64 32.91
CA ASN A 68 3.34 -18.53 33.11
C ASN A 68 4.59 -18.03 32.40
N LEU A 69 4.76 -16.72 32.35
CA LEU A 69 5.94 -16.11 31.77
C LEU A 69 7.10 -16.17 32.77
N ASP A 70 8.32 -16.25 32.25
CA ASP A 70 9.50 -16.30 33.10
C ASP A 70 9.64 -14.99 33.88
N ALA A 71 10.20 -15.11 35.09
CA ALA A 71 10.12 -14.04 36.09
C ALA A 71 10.84 -12.78 35.64
N TRP A 72 12.01 -12.92 35.02
CA TRP A 72 12.76 -11.74 34.58
C TRP A 72 12.03 -11.02 33.45
N ASN A 73 11.52 -11.77 32.48
CA ASN A 73 10.76 -11.18 31.38
C ASN A 73 9.44 -10.60 31.87
N ARG A 74 8.76 -11.31 32.78
CA ARG A 74 7.51 -10.83 33.35
C ARG A 74 7.68 -9.52 34.09
N GLU A 75 8.75 -9.42 34.89
CA GLU A 75 9.01 -8.20 35.63
C GLU A 75 9.41 -7.06 34.68
N LEU A 76 10.13 -7.39 33.60
CA LEU A 76 10.46 -6.38 32.60
C LEU A 76 9.20 -5.87 31.90
N LEU A 77 8.29 -6.78 31.55
CA LEU A 77 7.04 -6.39 30.90
C LEU A 77 6.16 -5.58 31.83
N ASP A 78 6.08 -5.97 33.10
CA ASP A 78 5.25 -5.25 34.07
C ASP A 78 5.84 -3.88 34.38
N LYS A 79 7.17 -3.78 34.46
CA LYS A 79 7.80 -2.47 34.65
C LYS A 79 7.56 -1.57 33.44
N TYR A 80 7.64 -2.13 32.23
CA TYR A 80 7.37 -1.36 31.02
C TYR A 80 5.94 -0.85 30.97
N CYS A 81 4.98 -1.72 31.32
CA CYS A 81 3.57 -1.33 31.22
C CYS A 81 3.19 -0.33 32.30
N VAL A 82 3.78 -0.44 33.49
CA VAL A 82 3.49 0.52 34.56
C VAL A 82 4.09 1.88 34.23
N ALA A 83 5.35 1.90 33.76
CA ALA A 83 6.03 3.16 33.49
C ALA A 83 5.56 3.85 32.21
N TYR A 84 4.75 3.17 31.39
CA TYR A 84 4.25 3.78 30.16
C TYR A 84 2.75 3.67 29.98
N GLY A 85 2.03 3.06 30.92
CA GLY A 85 0.58 2.99 30.83
C GLY A 85 0.04 2.18 29.67
N VAL A 86 0.58 0.98 29.48
CA VAL A 86 0.24 0.13 28.35
C VAL A 86 -0.59 -1.05 28.85
N GLY A 87 -1.79 -1.19 28.30
CA GLY A 87 -2.69 -2.24 28.72
C GLY A 87 -2.40 -3.57 28.06
N ILE A 88 -3.09 -4.60 28.53
CA ILE A 88 -2.87 -5.98 28.11
C ILE A 88 -4.21 -6.58 27.71
N ILE A 89 -4.39 -6.86 26.42
CA ILE A 89 -5.57 -7.57 25.95
C ILE A 89 -5.25 -9.06 25.95
N GLY A 90 -6.03 -9.84 26.69
CA GLY A 90 -5.81 -11.26 26.83
C GLY A 90 -6.89 -12.09 26.15
N PHE A 91 -6.59 -13.37 25.99
CA PHE A 91 -7.53 -14.33 25.43
C PHE A 91 -7.30 -15.67 26.12
N PHE A 92 -8.38 -16.35 26.45
CA PHE A 92 -8.28 -17.65 27.11
C PHE A 92 -9.03 -18.72 26.33
N ALA A 102 -11.09 -23.10 38.55
CA ALA A 102 -9.67 -22.88 38.80
C ALA A 102 -9.37 -21.39 38.95
N GLN A 103 -8.32 -21.08 39.70
CA GLN A 103 -7.91 -19.71 39.95
C GLN A 103 -6.70 -19.38 39.09
N LEU A 104 -6.72 -18.19 38.47
CA LEU A 104 -5.59 -17.73 37.68
C LEU A 104 -4.41 -17.43 38.59
N LYS A 105 -3.22 -17.84 38.16
CA LYS A 105 -2.02 -17.67 38.97
C LYS A 105 -1.58 -16.22 38.95
N GLY A 106 -1.37 -15.65 40.14
CA GLY A 106 -0.95 -14.28 40.28
C GLY A 106 -2.08 -13.26 40.31
N PHE A 107 -3.31 -13.67 40.12
CA PHE A 107 -4.45 -12.77 40.13
C PHE A 107 -5.58 -13.33 40.98
N PRO A 108 -6.31 -12.47 41.68
CA PRO A 108 -7.48 -12.93 42.45
C PRO A 108 -8.72 -13.07 41.57
N LEU A 109 -8.65 -13.99 40.62
CA LEU A 109 -9.70 -14.17 39.62
C LEU A 109 -9.86 -15.65 39.32
N PHE A 110 -11.09 -16.13 39.38
CA PHE A 110 -11.41 -17.52 39.05
C PHE A 110 -11.92 -17.60 37.62
N LEU A 111 -11.75 -18.78 37.02
CA LEU A 111 -12.15 -19.02 35.64
C LEU A 111 -13.10 -20.21 35.58
N HIS A 112 -14.11 -20.11 34.73
CA HIS A 112 -15.07 -21.20 34.55
C HIS A 112 -15.37 -21.39 33.07
N CYS A 120 -25.92 -14.05 26.77
CA CYS A 120 -24.88 -13.02 26.84
C CYS A 120 -25.49 -11.62 26.85
N SER A 121 -25.34 -10.91 27.95
CA SER A 121 -25.81 -9.55 28.11
C SER A 121 -24.63 -8.60 28.16
N ILE A 122 -24.93 -7.31 28.32
CA ILE A 122 -23.92 -6.25 28.30
C ILE A 122 -24.09 -5.39 29.54
N ASN A 123 -22.99 -5.08 30.21
CA ASN A 123 -23.01 -4.12 31.30
C ASN A 123 -23.25 -2.72 30.74
N PRO A 124 -24.31 -2.02 31.17
CA PRO A 124 -24.63 -0.73 30.54
C PRO A 124 -23.73 0.42 30.97
N LYS A 125 -23.11 0.33 32.15
CA LYS A 125 -22.26 1.41 32.66
C LYS A 125 -20.78 1.12 32.51
N SER A 126 -20.41 0.08 31.76
CA SER A 126 -19.01 -0.27 31.57
C SER A 126 -18.27 0.87 30.86
N PRO A 127 -17.08 1.24 31.33
CA PRO A 127 -16.32 2.31 30.66
C PRO A 127 -15.67 1.86 29.36
N LEU A 128 -15.72 0.57 29.02
CA LEU A 128 -15.24 0.11 27.72
C LEU A 128 -16.08 0.67 26.58
N LEU A 129 -17.36 0.89 26.83
CA LEU A 129 -18.33 1.16 25.77
C LEU A 129 -18.08 2.52 25.14
N TYR A 130 -17.57 2.52 23.92
CA TYR A 130 -17.44 3.70 23.08
C TYR A 130 -18.25 3.57 21.80
N VAL A 131 -18.30 2.37 21.23
CA VAL A 131 -19.15 2.09 20.09
C VAL A 131 -20.34 1.20 20.46
N THR A 132 -20.16 0.25 21.39
CA THR A 132 -21.19 -0.72 21.68
C THR A 132 -22.37 -0.08 22.40
N ARG A 133 -23.58 -0.39 21.92
N ARG A 133 -23.58 -0.39 21.92
CA ARG A 133 -24.80 0.16 22.51
CA ARG A 133 -24.80 0.14 22.51
C ARG A 133 -25.42 -0.89 23.42
C ARG A 133 -25.41 -0.90 23.43
N PRO A 134 -25.62 -0.60 24.71
CA PRO A 134 -26.10 -1.62 25.65
C PRO A 134 -27.61 -1.86 25.64
N SER A 135 -28.33 -1.40 24.61
CA SER A 135 -29.78 -1.53 24.58
C SER A 135 -30.23 -2.98 24.54
N GLU A 136 -29.52 -3.82 23.79
CA GLU A 136 -29.87 -5.22 23.72
C GLU A 136 -28.68 -6.10 24.08
N THR A 148 -15.69 -19.36 28.64
CA THR A 148 -15.05 -19.18 29.95
C THR A 148 -15.40 -17.82 30.54
N VAL A 149 -15.91 -17.83 31.77
CA VAL A 149 -16.27 -16.60 32.47
C VAL A 149 -15.27 -16.36 33.59
N PHE A 150 -15.13 -15.10 33.97
CA PHE A 150 -14.20 -14.69 35.03
C PHE A 150 -15.01 -14.08 36.16
N GLN A 151 -15.07 -14.77 37.30
CA GLN A 151 -15.86 -14.30 38.43
C GLN A 151 -15.13 -14.57 39.74
N SER A 152 -15.02 -13.54 40.56
CA SER A 152 -14.48 -13.64 41.91
C SER A 152 -14.96 -12.40 42.68
N ASN A 153 -14.42 -12.19 43.87
CA ASN A 153 -14.85 -11.11 44.75
C ASN A 153 -13.69 -10.12 44.92
N HIS A 154 -13.62 -9.15 44.02
CA HIS A 154 -12.64 -8.07 44.13
C HIS A 154 -13.16 -6.87 43.35
N SER A 155 -12.64 -5.69 43.70
CA SER A 155 -13.03 -4.44 43.08
C SER A 155 -12.00 -3.91 42.10
N THR A 156 -11.00 -4.73 41.73
CA THR A 156 -9.98 -4.29 40.78
C THR A 156 -10.37 -4.54 39.33
N TYR A 157 -11.57 -5.07 39.09
CA TYR A 157 -12.06 -5.27 37.73
C TYR A 157 -13.52 -4.91 37.64
N GLU A 158 -13.95 -4.55 36.43
CA GLU A 158 -15.35 -4.22 36.16
C GLU A 158 -15.78 -5.01 34.93
N PRO A 159 -16.80 -5.86 35.04
CA PRO A 159 -17.21 -6.69 33.91
C PRO A 159 -17.80 -5.86 32.77
N VAL A 160 -17.62 -6.37 31.55
CA VAL A 160 -18.10 -5.72 30.34
C VAL A 160 -19.21 -6.53 29.68
N LEU A 161 -18.98 -7.82 29.46
CA LEU A 161 -19.99 -8.72 28.92
C LEU A 161 -20.35 -9.74 29.98
N LEU A 162 -21.64 -9.86 30.27
CA LEU A 162 -22.14 -10.77 31.29
C LEU A 162 -22.77 -11.99 30.65
N ALA A 163 -22.76 -13.10 31.38
CA ALA A 163 -23.34 -14.34 30.88
C ALA A 163 -24.57 -14.74 31.69
N HIS A 185 -21.16 -15.45 34.15
CA HIS A 185 -21.09 -14.31 35.07
C HIS A 185 -20.47 -13.10 34.37
N ALA A 186 -19.26 -13.26 33.86
CA ALA A 186 -18.57 -12.17 33.16
C ALA A 186 -17.60 -12.80 32.16
N THR A 187 -18.00 -12.83 30.88
CA THR A 187 -17.13 -13.39 29.86
C THR A 187 -15.97 -12.46 29.53
N VAL A 188 -16.25 -11.16 29.41
CA VAL A 188 -15.22 -10.16 29.13
C VAL A 188 -15.19 -9.19 30.29
N VAL A 189 -14.04 -9.10 30.96
CA VAL A 189 -13.87 -8.29 32.17
C VAL A 189 -12.78 -7.27 31.91
N GLN A 190 -13.02 -6.03 32.38
CA GLN A 190 -12.04 -4.95 32.29
C GLN A 190 -11.44 -4.74 33.68
N ASP A 191 -10.18 -5.11 33.84
CA ASP A 191 -9.48 -4.86 35.10
C ASP A 191 -9.22 -3.36 35.25
N LEU A 192 -9.32 -2.87 36.48
CA LEU A 192 -9.15 -1.45 36.76
C LEU A 192 -7.73 -1.08 37.14
N GLY A 193 -6.82 -2.05 37.23
CA GLY A 193 -5.46 -1.78 37.64
C GLY A 193 -5.33 -1.35 39.10
N LEU A 194 -6.14 -1.93 39.97
CA LEU A 194 -6.07 -1.65 41.41
C LEU A 194 -5.32 -2.72 42.17
N HIS A 195 -4.87 -3.78 41.50
CA HIS A 195 -4.06 -4.83 42.10
C HIS A 195 -2.70 -4.94 41.45
N ASP A 196 -2.64 -4.98 40.12
CA ASP A 196 -1.38 -5.01 39.41
C ASP A 196 -0.86 -3.60 39.12
N GLY A 197 -1.74 -2.71 38.68
CA GLY A 197 -1.36 -1.34 38.45
C GLY A 197 -1.86 -0.76 37.14
N ILE A 198 -1.96 -1.60 36.11
CA ILE A 198 -2.38 -1.19 34.78
C ILE A 198 -3.60 -2.02 34.38
N GLN A 199 -4.56 -1.36 33.74
CA GLN A 199 -5.78 -2.01 33.30
C GLN A 199 -5.49 -3.09 32.26
N ARG A 200 -6.25 -4.18 32.32
CA ARG A 200 -6.19 -5.22 31.32
C ARG A 200 -7.59 -5.73 31.03
N VAL A 201 -7.82 -6.12 29.78
CA VAL A 201 -9.11 -6.65 29.34
C VAL A 201 -8.91 -8.10 28.93
N LEU A 202 -9.65 -9.00 29.55
CA LEU A 202 -9.48 -10.43 29.35
C LEU A 202 -10.74 -11.00 28.70
N PHE A 203 -10.57 -11.66 27.56
CA PHE A 203 -11.67 -12.24 26.81
C PHE A 203 -11.75 -13.73 27.10
N GLY A 204 -12.96 -14.22 27.32
CA GLY A 204 -13.18 -15.63 27.58
C GLY A 204 -13.33 -16.49 26.35
N ASN A 205 -13.35 -15.90 25.16
CA ASN A 205 -13.53 -16.65 23.94
C ASN A 205 -12.76 -15.96 22.82
N ASN A 206 -12.90 -16.49 21.61
CA ASN A 206 -12.23 -15.93 20.44
C ASN A 206 -13.04 -14.77 19.88
N LEU A 207 -12.56 -14.21 18.77
CA LEU A 207 -13.28 -13.16 18.06
C LEU A 207 -14.09 -13.76 16.91
N ASN A 208 -14.95 -14.73 17.26
CA ASN A 208 -15.83 -15.34 16.28
C ASN A 208 -17.18 -14.64 16.23
N PHE A 209 -17.77 -14.37 17.39
CA PHE A 209 -19.03 -13.65 17.43
C PHE A 209 -18.83 -12.19 17.05
N TRP A 210 -19.88 -11.59 16.49
CA TRP A 210 -19.76 -10.23 16.00
C TRP A 210 -19.70 -9.23 17.16
N LEU A 211 -20.39 -9.51 18.26
CA LEU A 211 -20.34 -8.61 19.41
C LEU A 211 -18.97 -8.64 20.07
N HIS A 212 -18.31 -9.79 20.07
CA HIS A 212 -16.97 -9.88 20.64
C HIS A 212 -15.96 -9.09 19.83
N LYS A 213 -16.15 -8.99 18.51
CA LYS A 213 -15.35 -8.08 17.71
C LYS A 213 -15.67 -6.63 18.05
N LEU A 214 -16.95 -6.33 18.32
CA LEU A 214 -17.34 -4.98 18.70
C LEU A 214 -16.77 -4.61 20.07
N VAL A 215 -16.76 -5.55 21.01
CA VAL A 215 -16.15 -5.31 22.31
C VAL A 215 -14.64 -5.17 22.17
N PHE A 216 -14.03 -5.96 21.28
CA PHE A 216 -12.57 -5.94 21.12
C PHE A 216 -12.07 -4.59 20.62
N VAL A 217 -12.76 -3.99 19.64
CA VAL A 217 -12.33 -2.69 19.14
C VAL A 217 -12.62 -1.59 20.16
N ASP A 218 -13.60 -1.80 21.04
CA ASP A 218 -13.77 -0.89 22.17
C ASP A 218 -12.64 -1.04 23.17
N ALA A 219 -12.18 -2.28 23.39
CA ALA A 219 -11.06 -2.51 24.30
C ALA A 219 -9.77 -1.93 23.75
N VAL A 220 -9.58 -2.01 22.42
CA VAL A 220 -8.41 -1.40 21.79
C VAL A 220 -8.43 0.11 21.96
N ALA A 221 -9.60 0.72 21.78
CA ALA A 221 -9.74 2.17 21.92
C ALA A 221 -9.50 2.61 23.37
N PHE A 222 -10.01 1.85 24.33
CA PHE A 222 -9.91 2.25 25.73
C PHE A 222 -8.49 2.08 26.26
N LEU A 223 -7.87 0.93 26.00
CA LEU A 223 -6.57 0.65 26.59
C LEU A 223 -5.45 1.47 25.96
N THR A 224 -5.68 2.04 24.79
CA THR A 224 -4.74 2.98 24.20
C THR A 224 -5.01 4.41 24.63
N GLY A 225 -6.24 4.72 25.04
CA GLY A 225 -6.64 6.07 25.37
C GLY A 225 -7.31 6.81 24.23
N LYS A 226 -8.07 6.11 23.39
CA LYS A 226 -8.69 6.65 22.16
C LYS A 226 -7.66 7.26 21.22
N ARG A 227 -6.45 6.71 21.22
CA ARG A 227 -5.47 7.02 20.18
C ARG A 227 -5.63 6.09 18.99
N LEU A 228 -5.81 4.79 19.24
CA LEU A 228 -6.08 3.81 18.20
C LEU A 228 -7.60 3.57 18.17
N SER A 229 -8.30 4.48 17.50
CA SER A 229 -9.76 4.39 17.38
C SER A 229 -10.19 5.19 16.17
N LEU A 230 -11.49 5.19 15.91
CA LEU A 230 -12.12 5.96 14.86
C LEU A 230 -13.25 6.81 15.44
N PRO A 231 -13.57 7.93 14.81
CA PRO A 231 -14.80 8.65 15.17
C PRO A 231 -16.03 7.80 14.88
N LEU A 232 -17.11 8.10 15.60
CA LEU A 232 -18.35 7.36 15.43
C LEU A 232 -19.05 7.67 14.12
N ASP A 233 -18.61 8.69 13.37
CA ASP A 233 -19.20 8.97 12.07
C ASP A 233 -18.85 7.87 11.08
N ARG A 234 -19.87 7.33 10.42
CA ARG A 234 -19.71 6.33 9.38
C ARG A 234 -20.40 6.82 8.11
N TYR A 235 -19.81 6.49 6.96
CA TYR A 235 -20.31 6.96 5.68
C TYR A 235 -20.56 5.77 4.77
N ILE A 236 -21.75 5.73 4.16
CA ILE A 236 -22.17 4.63 3.30
C ILE A 236 -22.70 5.20 1.99
N LEU A 237 -22.27 4.64 0.87
CA LEU A 237 -22.80 4.97 -0.45
C LEU A 237 -23.12 3.67 -1.17
N VAL A 238 -24.38 3.47 -1.54
CA VAL A 238 -24.82 2.25 -2.22
C VAL A 238 -24.93 2.54 -3.71
N ASP A 239 -24.24 1.73 -4.51
CA ASP A 239 -24.19 1.90 -5.96
C ASP A 239 -24.99 0.78 -6.61
N ILE A 240 -26.09 1.14 -7.27
CA ILE A 240 -26.89 0.19 -8.02
C ILE A 240 -26.39 0.18 -9.45
N ASP A 241 -25.95 -0.98 -9.92
CA ASP A 241 -25.30 -1.13 -11.21
C ASP A 241 -26.26 -1.70 -12.25
N ASP A 242 -25.86 -1.57 -13.51
CA ASP A 242 -26.49 -2.24 -14.66
C ASP A 242 -27.96 -1.86 -14.83
N ILE A 243 -28.30 -0.62 -14.51
CA ILE A 243 -29.65 -0.14 -14.78
C ILE A 243 -29.84 -0.04 -16.30
N PHE A 244 -30.98 -0.52 -16.78
CA PHE A 244 -31.26 -0.76 -18.20
C PHE A 244 -30.19 -1.68 -18.82
N VAL A 245 -30.10 -2.89 -18.26
CA VAL A 245 -29.27 -3.96 -18.81
C VAL A 245 -30.07 -5.26 -18.74
N GLY A 246 -30.23 -5.92 -19.88
CA GLY A 246 -30.95 -7.18 -19.92
C GLY A 246 -31.79 -7.38 -21.17
N LYS A 247 -32.22 -8.62 -21.40
CA LYS A 247 -33.00 -8.97 -22.59
C LYS A 247 -34.46 -9.18 -22.26
N GLU A 248 -34.77 -10.13 -21.37
CA GLU A 248 -36.14 -10.45 -20.98
C GLU A 248 -36.15 -10.79 -19.51
N GLY A 249 -37.04 -10.14 -18.75
CA GLY A 249 -37.15 -10.39 -17.33
C GLY A 249 -36.07 -9.68 -16.54
N THR A 250 -36.16 -9.85 -15.21
CA THR A 250 -35.34 -9.23 -14.16
C THR A 250 -34.96 -7.77 -14.48
N ARG A 251 -35.99 -6.98 -14.78
CA ARG A 251 -35.80 -5.55 -15.00
C ARG A 251 -36.75 -4.75 -14.12
N MET A 252 -36.83 -3.44 -14.34
CA MET A 252 -37.73 -2.60 -13.57
C MET A 252 -39.17 -2.82 -14.01
N LYS A 253 -40.03 -3.18 -13.06
CA LYS A 253 -41.46 -3.06 -13.24
C LYS A 253 -41.94 -1.83 -12.49
N VAL A 254 -43.24 -1.56 -12.54
CA VAL A 254 -43.76 -0.39 -11.83
C VAL A 254 -43.71 -0.61 -10.33
N GLU A 255 -43.88 -1.86 -9.87
CA GLU A 255 -43.83 -2.14 -8.44
C GLU A 255 -42.39 -2.08 -7.92
N ASP A 256 -41.42 -2.45 -8.77
CA ASP A 256 -40.02 -2.42 -8.36
C ASP A 256 -39.52 -0.98 -8.16
N VAL A 257 -39.90 -0.08 -9.06
CA VAL A 257 -39.49 1.32 -8.92
C VAL A 257 -40.14 1.95 -7.70
N LYS A 258 -41.43 1.68 -7.48
CA LYS A 258 -42.13 2.25 -6.34
C LYS A 258 -41.57 1.71 -5.02
N ALA A 259 -41.18 0.45 -5.01
CA ALA A 259 -40.52 -0.10 -3.82
C ALA A 259 -39.15 0.53 -3.61
N LEU A 260 -38.41 0.77 -4.69
CA LEU A 260 -37.09 1.41 -4.57
C LEU A 260 -37.22 2.83 -4.06
N PHE A 261 -38.22 3.57 -4.53
CA PHE A 261 -38.42 4.94 -4.08
C PHE A 261 -38.87 4.99 -2.62
N ASP A 262 -39.76 4.08 -2.22
CA ASP A 262 -40.26 4.08 -0.85
C ASP A 262 -39.18 3.66 0.15
N THR A 263 -38.33 2.72 -0.23
CA THR A 263 -37.25 2.28 0.65
C THR A 263 -36.21 3.37 0.83
N GLN A 264 -35.95 4.16 -0.21
CA GLN A 264 -35.07 5.31 -0.07
C GLN A 264 -35.66 6.35 0.86
N ASN A 265 -36.98 6.54 0.82
CA ASN A 265 -37.63 7.52 1.69
C ASN A 265 -37.53 7.12 3.16
N GLU A 266 -37.84 5.86 3.46
CA GLU A 266 -37.86 5.42 4.86
C GLU A 266 -36.46 5.26 5.43
N LEU A 267 -35.47 4.95 4.59
CA LEU A 267 -34.09 4.93 5.05
C LEU A 267 -33.48 6.33 5.16
N ARG A 268 -34.14 7.34 4.62
CA ARG A 268 -33.69 8.71 4.85
C ARG A 268 -34.00 9.16 6.27
N ALA A 269 -35.01 8.56 6.90
CA ALA A 269 -35.23 8.81 8.32
C ALA A 269 -34.14 8.19 9.18
N HIS A 270 -33.61 7.04 8.76
CA HIS A 270 -32.55 6.38 9.50
C HIS A 270 -31.20 7.03 9.22
N ILE A 271 -30.77 7.03 7.97
CA ILE A 271 -29.55 7.71 7.55
C ILE A 271 -29.97 9.03 6.88
N PRO A 272 -29.60 10.18 7.43
CA PRO A 272 -30.00 11.45 6.81
C PRO A 272 -29.36 11.64 5.43
N ASN A 273 -30.20 12.04 4.47
CA ASN A 273 -29.81 12.25 3.07
C ASN A 273 -29.19 11.00 2.46
N PHE A 274 -29.91 9.88 2.58
CA PHE A 274 -29.50 8.63 1.96
C PHE A 274 -30.14 8.51 0.59
N THR A 275 -29.32 8.48 -0.45
CA THR A 275 -29.80 8.48 -1.82
C THR A 275 -29.09 7.37 -2.60
N PHE A 276 -29.86 6.57 -3.33
CA PHE A 276 -29.29 5.51 -4.15
C PHE A 276 -28.57 6.08 -5.37
N ASN A 277 -27.53 5.38 -5.80
CA ASN A 277 -26.76 5.74 -6.99
C ASN A 277 -27.02 4.70 -8.07
N LEU A 278 -27.44 5.16 -9.26
CA LEU A 278 -27.95 4.30 -10.31
C LEU A 278 -26.98 4.24 -11.48
N GLY A 279 -26.57 3.02 -11.84
CA GLY A 279 -25.71 2.76 -12.98
C GLY A 279 -26.42 2.47 -14.28
N TYR A 280 -26.94 3.51 -14.94
CA TYR A 280 -27.76 3.31 -16.13
C TYR A 280 -26.90 2.82 -17.31
N SER A 281 -27.59 2.35 -18.35
CA SER A 281 -26.92 1.93 -19.59
C SER A 281 -27.92 2.15 -20.72
N GLY A 282 -27.60 3.10 -21.61
CA GLY A 282 -28.62 3.65 -22.51
C GLY A 282 -29.11 2.71 -23.59
N LYS A 283 -28.34 1.68 -23.95
CA LYS A 283 -28.71 0.84 -25.09
C LYS A 283 -29.89 -0.05 -24.77
N PHE A 284 -29.88 -0.71 -23.61
CA PHE A 284 -30.95 -1.65 -23.25
C PHE A 284 -32.11 -0.92 -22.59
N PHE A 285 -32.63 0.08 -23.30
CA PHE A 285 -33.76 0.88 -22.85
C PHE A 285 -34.98 0.52 -23.69
N HIS A 286 -36.10 0.24 -23.01
CA HIS A 286 -37.35 -0.22 -23.64
C HIS A 286 -37.13 -1.48 -24.46
N THR A 287 -36.39 -2.42 -23.88
CA THR A 287 -36.10 -3.70 -24.53
C THR A 287 -36.72 -4.89 -23.80
N GLY A 288 -37.28 -4.70 -22.62
CA GLY A 288 -37.86 -5.78 -21.85
C GLY A 288 -39.33 -5.99 -22.16
N THR A 289 -40.02 -6.62 -21.22
CA THR A 289 -41.44 -6.91 -21.39
C THR A 289 -42.27 -5.63 -21.35
N ASN A 290 -43.55 -5.77 -21.71
CA ASN A 290 -44.47 -4.63 -21.70
C ASN A 290 -44.64 -4.07 -20.29
N ALA A 291 -44.65 -4.93 -19.28
CA ALA A 291 -44.64 -4.47 -17.90
C ALA A 291 -43.31 -3.81 -17.54
N GLU A 292 -42.24 -4.11 -18.27
CA GLU A 292 -40.93 -3.54 -18.00
C GLU A 292 -40.58 -2.36 -18.88
N ASP A 293 -41.35 -2.10 -19.95
CA ASP A 293 -41.17 -0.85 -20.68
C ASP A 293 -41.68 0.32 -19.88
N ALA A 294 -42.81 0.15 -19.18
CA ALA A 294 -43.33 1.19 -18.30
C ALA A 294 -42.51 1.31 -17.03
N GLY A 295 -42.03 0.17 -16.51
CA GLY A 295 -41.21 0.20 -15.30
C GLY A 295 -39.89 0.92 -15.50
N ASP A 296 -39.28 0.76 -16.67
CA ASP A 296 -38.13 1.58 -17.02
C ASP A 296 -38.53 3.04 -17.18
N ASP A 297 -39.71 3.29 -17.75
CA ASP A 297 -40.20 4.66 -17.89
C ASP A 297 -40.61 5.26 -16.54
N LEU A 298 -41.03 4.43 -15.58
CA LEU A 298 -41.35 4.94 -14.26
C LEU A 298 -40.11 5.42 -13.51
N LEU A 299 -38.93 4.88 -13.85
CA LEU A 299 -37.70 5.31 -13.19
C LEU A 299 -37.30 6.72 -13.60
N LEU A 300 -37.68 7.13 -14.81
CA LEU A 300 -37.43 8.51 -15.24
C LEU A 300 -38.40 9.51 -14.63
N SER A 301 -39.52 9.04 -14.07
CA SER A 301 -40.39 9.94 -13.31
C SER A 301 -39.76 10.34 -11.99
N TYR A 302 -38.96 9.46 -11.39
CA TYR A 302 -38.24 9.73 -10.15
C TYR A 302 -36.80 10.15 -10.44
N VAL A 303 -36.58 10.89 -11.52
CA VAL A 303 -35.23 11.32 -11.89
C VAL A 303 -34.66 12.30 -10.85
N LYS A 304 -35.53 13.03 -10.15
CA LYS A 304 -35.10 13.98 -9.14
C LYS A 304 -34.99 13.36 -7.75
N GLU A 305 -35.22 12.05 -7.63
CA GLU A 305 -35.20 11.38 -6.33
C GLU A 305 -33.99 10.50 -6.12
N PHE A 306 -33.19 10.26 -7.15
CA PHE A 306 -32.05 9.35 -7.05
C PHE A 306 -30.78 10.07 -7.52
N TRP A 307 -29.68 9.33 -7.49
CA TRP A 307 -28.42 9.73 -8.10
C TRP A 307 -28.09 8.75 -9.22
N TRP A 308 -27.41 9.25 -10.25
CA TRP A 308 -27.12 8.46 -11.44
C TRP A 308 -25.64 8.56 -11.77
N PHE A 309 -25.05 7.44 -12.21
CA PHE A 309 -23.71 7.51 -12.77
C PHE A 309 -23.68 6.79 -14.11
N PRO A 310 -22.86 7.30 -15.07
CA PRO A 310 -22.93 6.87 -16.49
C PRO A 310 -22.88 5.39 -16.79
N HIS A 311 -21.77 4.73 -16.43
CA HIS A 311 -21.65 3.26 -16.44
C HIS A 311 -21.95 2.64 -17.81
N MET A 312 -21.30 3.18 -18.85
CA MET A 312 -21.17 2.61 -20.20
C MET A 312 -22.47 2.64 -21.02
N TRP A 313 -22.32 2.91 -22.33
CA TRP A 313 -23.48 2.94 -23.21
C TRP A 313 -24.05 1.55 -23.45
N SER A 314 -23.19 0.58 -23.74
CA SER A 314 -23.64 -0.77 -24.09
C SER A 314 -22.98 -1.81 -23.21
N HIS A 315 -22.51 -1.39 -22.02
CA HIS A 315 -22.00 -2.28 -20.97
C HIS A 315 -20.81 -3.10 -21.45
N MET A 316 -19.92 -2.47 -22.22
CA MET A 316 -18.72 -3.13 -22.72
C MET A 316 -17.50 -2.67 -21.93
N GLN A 317 -16.56 -3.60 -21.71
CA GLN A 317 -15.37 -3.30 -20.92
C GLN A 317 -14.50 -2.27 -21.65
N PRO A 318 -14.10 -1.18 -20.99
CA PRO A 318 -13.30 -0.15 -21.68
C PRO A 318 -11.91 -0.60 -22.08
N HIS A 319 -11.36 -1.67 -21.47
CA HIS A 319 -10.04 -2.14 -21.86
C HIS A 319 -10.05 -2.79 -23.24
N LEU A 320 -11.22 -3.19 -23.73
CA LEU A 320 -11.36 -3.65 -25.10
C LEU A 320 -11.24 -2.52 -26.12
N PHE A 321 -11.36 -1.28 -25.68
CA PHE A 321 -11.28 -0.11 -26.57
C PHE A 321 -9.84 0.36 -26.62
N HIS A 322 -9.12 -0.05 -27.67
CA HIS A 322 -7.74 0.37 -27.85
C HIS A 322 -7.63 1.74 -28.49
N ASN A 323 -8.74 2.27 -29.02
CA ASN A 323 -8.80 3.64 -29.53
C ASN A 323 -9.64 4.48 -28.58
N GLN A 324 -9.13 5.65 -28.21
CA GLN A 324 -9.84 6.50 -27.26
C GLN A 324 -11.05 7.17 -27.88
N SER A 325 -10.95 7.56 -29.16
CA SER A 325 -12.01 8.35 -29.78
C SER A 325 -13.31 7.57 -29.91
N VAL A 326 -13.23 6.28 -30.27
CA VAL A 326 -14.43 5.46 -30.34
C VAL A 326 -14.97 5.18 -28.93
N LEU A 327 -14.09 5.12 -27.93
CA LEU A 327 -14.55 5.00 -26.55
C LEU A 327 -15.27 6.25 -26.09
N ALA A 328 -14.77 7.43 -26.49
CA ALA A 328 -15.43 8.69 -26.15
C ALA A 328 -16.78 8.82 -26.85
N GLU A 329 -16.87 8.30 -28.08
CA GLU A 329 -18.14 8.37 -28.81
C GLU A 329 -19.19 7.45 -28.20
N GLN A 330 -18.76 6.34 -27.59
CA GLN A 330 -19.70 5.50 -26.85
C GLN A 330 -20.29 6.26 -25.66
N MET A 331 -19.42 6.91 -24.88
CA MET A 331 -19.88 7.66 -23.72
C MET A 331 -20.72 8.86 -24.09
N ALA A 332 -20.46 9.45 -25.26
CA ALA A 332 -21.27 10.57 -25.73
C ALA A 332 -22.68 10.12 -26.08
N LEU A 333 -22.83 8.88 -26.56
CA LEU A 333 -24.16 8.32 -26.79
C LEU A 333 -24.91 8.11 -25.48
N ASN A 334 -24.22 7.63 -24.45
CA ASN A 334 -24.85 7.48 -23.14
C ASN A 334 -25.15 8.84 -22.52
N LYS A 335 -24.31 9.84 -22.79
CA LYS A 335 -24.58 11.19 -22.30
C LYS A 335 -25.78 11.80 -23.03
N LYS A 336 -25.91 11.54 -24.33
CA LYS A 336 -27.06 12.02 -25.08
C LYS A 336 -28.34 11.38 -24.57
N PHE A 337 -28.29 10.11 -24.17
CA PHE A 337 -29.45 9.45 -23.57
C PHE A 337 -29.82 10.09 -22.25
N ALA A 338 -28.83 10.40 -21.41
CA ALA A 338 -29.10 10.95 -20.09
C ALA A 338 -29.64 12.36 -20.16
N VAL A 339 -29.08 13.19 -21.04
CA VAL A 339 -29.54 14.58 -21.18
C VAL A 339 -30.97 14.61 -21.72
N GLU A 340 -31.26 13.77 -22.71
CA GLU A 340 -32.60 13.72 -23.30
C GLU A 340 -33.65 13.27 -22.30
N HIS A 341 -33.32 12.34 -21.42
CA HIS A 341 -34.26 11.81 -20.44
C HIS A 341 -34.23 12.57 -19.12
N GLY A 342 -33.49 13.68 -19.06
CA GLY A 342 -33.46 14.50 -17.86
C GLY A 342 -32.55 14.02 -16.76
N ILE A 343 -31.78 12.96 -17.00
CA ILE A 343 -30.85 12.44 -16.00
C ILE A 343 -29.73 13.45 -15.76
N PRO A 344 -29.41 13.78 -14.51
CA PRO A 344 -28.33 14.75 -14.26
C PRO A 344 -26.97 14.20 -14.66
N THR A 345 -26.15 15.08 -15.23
CA THR A 345 -24.83 14.72 -15.75
C THR A 345 -23.75 15.56 -15.07
N ASP A 346 -23.86 15.73 -13.75
CA ASP A 346 -22.89 16.55 -13.02
C ASP A 346 -22.47 15.93 -11.69
N MET A 347 -22.72 14.64 -11.49
CA MET A 347 -22.33 14.01 -10.24
C MET A 347 -20.83 13.75 -10.18
N GLY A 348 -20.18 13.60 -11.33
CA GLY A 348 -18.74 13.41 -11.36
C GLY A 348 -18.25 12.05 -10.95
N TYR A 349 -19.11 11.04 -11.03
CA TYR A 349 -18.78 9.69 -10.61
C TYR A 349 -19.18 8.71 -11.71
N ALA A 350 -18.38 7.66 -11.90
CA ALA A 350 -18.68 6.63 -12.89
C ALA A 350 -18.01 5.33 -12.50
N VAL A 351 -18.54 4.22 -13.01
CA VAL A 351 -18.04 2.89 -12.72
C VAL A 351 -17.94 2.10 -14.02
N ALA A 352 -16.78 1.52 -14.29
CA ALA A 352 -16.59 0.65 -15.45
C ALA A 352 -17.34 -0.67 -15.25
N PRO A 353 -17.85 -1.27 -16.34
CA PRO A 353 -18.70 -2.47 -16.20
C PRO A 353 -18.05 -3.65 -15.50
N HIS A 354 -16.76 -3.90 -15.75
CA HIS A 354 -16.03 -4.95 -15.04
C HIS A 354 -14.86 -4.37 -14.25
N HIS A 355 -14.90 -3.08 -13.93
CA HIS A 355 -13.77 -2.31 -13.43
C HIS A 355 -12.57 -2.45 -14.35
N SER A 356 -12.83 -2.46 -15.66
CA SER A 356 -11.81 -2.68 -16.67
C SER A 356 -11.20 -1.33 -17.04
N GLY A 357 -9.98 -1.10 -16.58
CA GLY A 357 -9.25 0.09 -16.97
C GLY A 357 -9.01 1.09 -15.87
N VAL A 358 -9.42 0.80 -14.64
CA VAL A 358 -9.09 1.65 -13.50
C VAL A 358 -7.86 1.13 -12.76
N TYR A 359 -7.76 -0.18 -12.60
CA TYR A 359 -6.53 -0.82 -12.13
C TYR A 359 -6.45 -2.21 -12.73
N PRO A 360 -5.54 -2.46 -13.70
CA PRO A 360 -4.51 -1.58 -14.27
C PRO A 360 -5.06 -0.44 -15.14
N VAL A 361 -4.28 0.63 -15.25
CA VAL A 361 -4.77 1.88 -15.81
C VAL A 361 -4.80 1.78 -17.33
N HIS A 362 -6.02 1.79 -17.88
CA HIS A 362 -6.23 2.00 -19.31
C HIS A 362 -6.39 3.50 -19.49
N VAL A 363 -5.38 4.14 -20.10
CA VAL A 363 -5.32 5.60 -20.18
C VAL A 363 -6.47 6.13 -21.02
N GLN A 364 -6.98 5.33 -21.96
CA GLN A 364 -8.13 5.74 -22.76
C GLN A 364 -9.38 5.89 -21.91
N LEU A 365 -9.57 4.99 -20.93
CA LEU A 365 -10.72 5.10 -20.04
C LEU A 365 -10.65 6.34 -19.17
N TYR A 366 -9.46 6.63 -18.61
CA TYR A 366 -9.30 7.80 -17.77
C TYR A 366 -9.50 9.09 -18.56
N GLU A 367 -8.98 9.15 -19.78
CA GLU A 367 -9.09 10.37 -20.57
C GLU A 367 -10.50 10.58 -21.11
N ALA A 368 -11.18 9.50 -21.50
CA ALA A 368 -12.54 9.64 -22.03
C ALA A 368 -13.54 10.00 -20.94
N TRP A 369 -13.33 9.50 -19.73
CA TRP A 369 -14.18 9.88 -18.60
C TRP A 369 -14.07 11.37 -18.30
N LYS A 370 -12.84 11.89 -18.32
CA LYS A 370 -12.64 13.31 -18.07
C LYS A 370 -13.06 14.18 -19.25
N GLN A 371 -13.09 13.63 -20.46
CA GLN A 371 -13.47 14.41 -21.65
C GLN A 371 -14.98 14.48 -21.83
N VAL A 372 -15.66 13.34 -21.73
CA VAL A 372 -17.10 13.32 -21.95
C VAL A 372 -17.84 13.75 -20.71
N TRP A 373 -17.41 13.27 -19.54
CA TRP A 373 -18.17 13.39 -18.31
C TRP A 373 -17.56 14.30 -17.26
N SER A 374 -16.26 14.60 -17.37
CA SER A 374 -15.47 15.25 -16.32
C SER A 374 -15.61 14.46 -15.00
N ILE A 375 -15.26 13.19 -15.08
CA ILE A 375 -15.32 12.30 -13.92
C ILE A 375 -14.22 12.67 -12.93
N ARG A 376 -14.61 12.82 -11.66
CA ARG A 376 -13.64 13.08 -10.61
C ARG A 376 -13.45 11.90 -9.67
N VAL A 377 -14.46 11.04 -9.52
CA VAL A 377 -14.41 9.90 -8.62
C VAL A 377 -14.80 8.65 -9.40
N THR A 378 -14.06 7.57 -9.19
CA THR A 378 -14.49 6.25 -9.61
C THR A 378 -14.25 5.29 -8.46
N SER A 379 -14.55 4.01 -8.68
CA SER A 379 -14.33 3.00 -7.66
C SER A 379 -13.96 1.69 -8.34
N THR A 380 -13.26 0.84 -7.59
CA THR A 380 -12.81 -0.45 -8.09
C THR A 380 -12.61 -1.38 -6.91
N GLU A 381 -12.49 -2.67 -7.22
CA GLU A 381 -12.15 -3.67 -6.23
C GLU A 381 -10.87 -4.41 -6.60
N GLU A 382 -10.09 -3.88 -7.54
CA GLU A 382 -8.88 -4.51 -8.05
C GLU A 382 -7.60 -3.97 -7.41
N TYR A 383 -7.68 -2.90 -6.62
CA TYR A 383 -6.49 -2.29 -6.04
C TYR A 383 -6.38 -2.65 -4.57
N PRO A 384 -5.28 -3.25 -4.11
CA PRO A 384 -4.11 -3.70 -4.88
C PRO A 384 -4.40 -5.07 -5.46
N HIS A 385 -5.37 -5.77 -4.90
CA HIS A 385 -5.81 -7.07 -5.37
C HIS A 385 -7.27 -7.25 -5.01
N LEU A 386 -7.92 -8.22 -5.64
CA LEU A 386 -9.33 -8.48 -5.35
C LEU A 386 -9.49 -9.10 -3.96
N LYS A 387 -8.65 -10.06 -3.62
CA LYS A 387 -8.74 -10.74 -2.34
C LYS A 387 -7.45 -10.55 -1.55
N PRO A 388 -7.53 -10.32 -0.24
CA PRO A 388 -8.75 -10.13 0.58
C PRO A 388 -9.33 -8.73 0.45
N ALA A 389 -10.62 -8.57 0.73
CA ALA A 389 -11.27 -7.27 0.58
C ALA A 389 -10.83 -6.26 1.64
N ARG A 390 -10.32 -6.73 2.78
CA ARG A 390 -9.87 -5.82 3.83
C ARG A 390 -8.56 -5.12 3.47
N TYR A 391 -7.83 -5.61 2.49
CA TYR A 391 -6.60 -4.96 2.04
C TYR A 391 -6.86 -3.94 0.94
N ARG A 392 -8.10 -3.77 0.50
CA ARG A 392 -8.40 -2.88 -0.61
C ARG A 392 -8.22 -1.42 -0.18
N ARG A 393 -7.44 -0.69 -0.96
CA ARG A 393 -7.14 0.71 -0.70
C ARG A 393 -7.60 1.54 -1.89
N GLY A 394 -7.42 2.86 -1.79
CA GLY A 394 -7.68 3.77 -2.87
C GLY A 394 -6.42 4.46 -3.33
N PHE A 395 -6.56 5.21 -4.43
CA PHE A 395 -5.46 5.99 -4.96
C PHE A 395 -6.03 7.11 -5.81
N ILE A 396 -5.20 8.12 -6.05
CA ILE A 396 -5.55 9.25 -6.90
C ILE A 396 -4.58 9.23 -8.08
N HIS A 397 -5.10 8.96 -9.27
CA HIS A 397 -4.28 8.90 -10.47
C HIS A 397 -4.97 9.62 -11.61
N ASN A 398 -4.18 10.42 -12.33
CA ASN A 398 -4.61 11.12 -13.55
C ASN A 398 -5.82 12.01 -13.32
N GLY A 399 -5.86 12.67 -12.17
CA GLY A 399 -6.95 13.57 -11.85
C GLY A 399 -8.23 12.90 -11.41
N ILE A 400 -8.21 11.59 -11.17
CA ILE A 400 -9.40 10.84 -10.76
C ILE A 400 -9.11 10.14 -9.45
N MET A 401 -9.97 10.34 -8.47
CA MET A 401 -9.84 9.75 -7.14
C MET A 401 -10.55 8.41 -7.13
N VAL A 402 -9.81 7.34 -6.89
CA VAL A 402 -10.34 5.98 -6.93
C VAL A 402 -10.53 5.50 -5.51
N LEU A 403 -11.70 4.89 -5.25
CA LEU A 403 -12.06 4.43 -3.92
C LEU A 403 -12.23 2.91 -3.91
N PRO A 404 -11.97 2.25 -2.78
CA PRO A 404 -12.19 0.80 -2.72
C PRO A 404 -13.66 0.43 -2.66
N ARG A 405 -14.18 -0.07 -3.78
CA ARG A 405 -15.56 -0.51 -3.83
C ARG A 405 -15.69 -1.87 -3.15
N GLN A 406 -16.73 -2.03 -2.36
CA GLN A 406 -17.01 -3.28 -1.66
C GLN A 406 -18.29 -3.88 -2.20
N THR A 407 -18.53 -5.13 -1.82
CA THR A 407 -19.75 -5.85 -2.19
C THR A 407 -20.53 -6.19 -0.92
N CYS A 408 -21.85 -6.04 -0.99
CA CYS A 408 -22.73 -6.40 0.11
C CYS A 408 -23.11 -7.88 0.10
N GLY A 409 -22.44 -8.68 -0.73
CA GLY A 409 -22.77 -10.08 -0.89
C GLY A 409 -23.78 -10.36 -1.98
N LEU A 410 -24.41 -9.33 -2.54
CA LEU A 410 -25.45 -9.50 -3.55
C LEU A 410 -24.81 -9.34 -4.93
N PHE A 411 -24.94 -10.36 -5.76
CA PHE A 411 -24.29 -10.41 -7.06
C PHE A 411 -25.32 -10.31 -8.19
N THR A 412 -24.83 -10.42 -9.42
CA THR A 412 -25.68 -10.27 -10.60
C THR A 412 -26.67 -11.42 -10.70
N HIS A 413 -26.23 -12.65 -10.41
CA HIS A 413 -27.12 -13.80 -10.48
C HIS A 413 -28.12 -13.85 -9.35
N THR A 414 -27.98 -13.02 -8.32
CA THR A 414 -28.88 -13.01 -7.17
C THR A 414 -30.16 -12.27 -7.56
N ILE A 415 -31.21 -13.03 -7.87
CA ILE A 415 -32.52 -12.48 -8.22
C ILE A 415 -33.52 -12.71 -7.10
N PHE A 416 -33.76 -13.96 -6.74
CA PHE A 416 -34.69 -14.34 -5.68
C PHE A 416 -33.95 -14.49 -4.37
N TYR A 417 -34.71 -14.67 -3.29
CA TYR A 417 -34.12 -14.90 -1.98
C TYR A 417 -33.42 -16.26 -1.93
N ASN A 418 -34.05 -17.29 -2.51
CA ASN A 418 -33.43 -18.61 -2.61
C ASN A 418 -32.51 -18.74 -3.81
N GLU A 419 -32.53 -17.78 -4.73
CA GLU A 419 -31.54 -17.73 -5.81
C GLU A 419 -30.18 -17.26 -5.32
N TYR A 420 -30.11 -16.67 -4.12
CA TYR A 420 -28.85 -16.27 -3.53
C TYR A 420 -28.00 -17.50 -3.24
N PRO A 421 -26.71 -17.50 -3.61
CA PRO A 421 -25.89 -18.70 -3.39
C PRO A 421 -25.60 -18.92 -1.91
N GLY A 422 -25.69 -20.18 -1.50
CA GLY A 422 -25.46 -20.56 -0.12
C GLY A 422 -26.72 -20.64 0.74
N GLY A 423 -27.84 -20.15 0.25
CA GLY A 423 -29.07 -20.16 1.02
C GLY A 423 -29.42 -18.77 1.54
N SER A 424 -30.69 -18.58 1.89
CA SER A 424 -31.16 -17.29 2.36
C SER A 424 -30.61 -16.92 3.73
N SER A 425 -30.19 -17.90 4.53
CA SER A 425 -29.59 -17.61 5.82
C SER A 425 -28.21 -16.99 5.68
N GLU A 426 -27.51 -17.27 4.58
CA GLU A 426 -26.19 -16.68 4.38
C GLU A 426 -26.27 -15.17 4.16
N LEU A 427 -27.36 -14.68 3.56
CA LEU A 427 -27.56 -13.25 3.47
C LEU A 427 -27.88 -12.65 4.84
N ASP A 428 -28.70 -13.36 5.64
CA ASP A 428 -29.02 -12.89 6.99
C ASP A 428 -27.81 -12.97 7.91
N LYS A 429 -26.94 -13.96 7.70
CA LYS A 429 -25.69 -14.03 8.46
C LYS A 429 -24.77 -12.86 8.12
N ILE A 430 -24.71 -12.48 6.84
CA ILE A 430 -23.86 -11.35 6.43
C ILE A 430 -24.41 -10.04 7.00
N ILE A 431 -25.73 -9.88 7.02
CA ILE A 431 -26.33 -8.66 7.57
C ILE A 431 -26.13 -8.61 9.08
N ASN A 432 -26.66 -9.61 9.78
CA ASN A 432 -26.66 -9.61 11.25
C ASN A 432 -25.29 -10.06 11.74
N GLY A 433 -24.33 -9.16 11.67
CA GLY A 433 -23.01 -9.42 12.19
C GLY A 433 -22.09 -10.21 11.30
N GLY A 434 -22.17 -10.02 9.99
CA GLY A 434 -21.27 -10.71 9.09
C GLY A 434 -20.34 -9.76 8.36
N GLU A 435 -20.19 -9.97 7.05
CA GLU A 435 -19.30 -9.12 6.26
C GLU A 435 -19.83 -7.69 6.12
N LEU A 436 -21.16 -7.53 6.11
CA LEU A 436 -21.76 -6.21 6.00
C LEU A 436 -21.46 -5.36 7.23
N PHE A 437 -21.76 -5.91 8.41
CA PHE A 437 -21.57 -5.17 9.66
C PHE A 437 -20.11 -4.85 9.90
N LEU A 438 -19.23 -5.82 9.65
CA LEU A 438 -17.80 -5.64 9.91
C LEU A 438 -17.20 -4.60 8.98
N THR A 439 -17.70 -4.51 7.74
CA THR A 439 -17.22 -3.48 6.82
C THR A 439 -17.56 -2.08 7.31
N VAL A 440 -18.80 -1.88 7.78
CA VAL A 440 -19.19 -0.58 8.29
C VAL A 440 -18.47 -0.26 9.61
N LEU A 441 -18.30 -1.28 10.45
CA LEU A 441 -17.67 -1.06 11.76
C LEU A 441 -16.20 -0.70 11.62
N LEU A 442 -15.45 -1.47 10.83
CA LEU A 442 -14.00 -1.32 10.79
C LEU A 442 -13.52 -0.35 9.71
N ASN A 443 -14.39 0.10 8.81
CA ASN A 443 -13.99 1.06 7.81
C ASN A 443 -14.86 2.31 7.94
N PRO A 444 -14.27 3.50 7.96
CA PRO A 444 -15.09 4.73 8.04
C PRO A 444 -15.98 4.94 6.83
N ILE A 445 -15.54 4.55 5.64
CA ILE A 445 -16.24 4.83 4.40
C ILE A 445 -16.38 3.54 3.60
N SER A 446 -17.60 3.23 3.18
CA SER A 446 -17.89 2.02 2.42
C SER A 446 -18.68 2.37 1.17
N ILE A 447 -18.33 1.73 0.06
CA ILE A 447 -19.12 1.78 -1.17
C ILE A 447 -19.57 0.36 -1.46
N PHE A 448 -20.88 0.14 -1.44
CA PHE A 448 -21.43 -1.20 -1.59
C PHE A 448 -21.96 -1.40 -3.00
N MET A 449 -21.74 -2.59 -3.55
CA MET A 449 -22.10 -2.94 -4.91
C MET A 449 -23.39 -3.75 -4.92
N THR A 450 -24.35 -3.31 -5.73
CA THR A 450 -25.56 -4.06 -5.98
C THR A 450 -25.97 -3.85 -7.42
N HIS A 451 -26.78 -4.77 -7.94
CA HIS A 451 -27.04 -4.82 -9.36
C HIS A 451 -28.54 -4.76 -9.65
N LEU A 452 -28.92 -4.97 -10.91
CA LEU A 452 -30.32 -4.86 -11.31
C LEU A 452 -31.17 -5.97 -10.72
N SER A 453 -30.62 -7.19 -10.64
CA SER A 453 -31.37 -8.34 -10.17
C SER A 453 -31.60 -8.32 -8.66
N ASN A 454 -30.91 -7.46 -7.92
CA ASN A 454 -31.12 -7.34 -6.49
C ASN A 454 -32.31 -6.46 -6.14
N TYR A 455 -32.97 -5.90 -7.14
CA TYR A 455 -34.18 -5.10 -6.99
C TYR A 455 -35.25 -5.59 -7.94
N GLY A 456 -35.44 -6.90 -7.99
CA GLY A 456 -36.38 -7.50 -8.92
C GLY A 456 -37.60 -8.12 -8.28
N ASN A 457 -37.69 -9.46 -8.32
CA ASN A 457 -38.86 -10.15 -7.79
C ASN A 457 -38.95 -10.02 -6.27
N ASP A 458 -37.87 -10.32 -5.57
CA ASP A 458 -37.83 -10.21 -4.12
C ASP A 458 -37.26 -8.89 -3.63
N ARG A 459 -36.48 -8.19 -4.46
CA ARG A 459 -35.79 -6.95 -4.13
C ARG A 459 -34.89 -7.14 -2.90
N LEU A 460 -33.91 -8.01 -3.07
CA LEU A 460 -32.97 -8.30 -2.00
C LEU A 460 -32.08 -7.11 -1.67
N GLY A 461 -31.86 -6.20 -2.63
CA GLY A 461 -31.09 -5.00 -2.33
C GLY A 461 -31.78 -4.11 -1.31
N LEU A 462 -33.11 -4.02 -1.38
CA LEU A 462 -33.86 -3.26 -0.38
C LEU A 462 -33.80 -3.93 0.99
N TYR A 463 -34.08 -5.24 1.03
CA TYR A 463 -34.18 -5.96 2.31
C TYR A 463 -32.83 -6.02 3.01
N THR A 464 -31.75 -6.20 2.26
CA THR A 464 -30.42 -6.31 2.85
C THR A 464 -30.00 -5.02 3.53
N PHE A 465 -30.17 -3.89 2.84
CA PHE A 465 -29.77 -2.61 3.44
C PHE A 465 -30.77 -2.14 4.47
N LYS A 466 -32.02 -2.59 4.41
CA LYS A 466 -32.98 -2.30 5.46
C LYS A 466 -32.54 -2.91 6.79
N HIS A 467 -32.22 -4.21 6.78
CA HIS A 467 -31.87 -4.90 8.01
C HIS A 467 -30.47 -4.51 8.50
N LEU A 468 -29.59 -4.09 7.59
CA LEU A 468 -28.26 -3.65 7.99
C LEU A 468 -28.32 -2.36 8.80
N VAL A 469 -29.08 -1.38 8.33
CA VAL A 469 -29.17 -0.09 9.01
C VAL A 469 -29.90 -0.23 10.34
N ARG A 470 -30.92 -1.09 10.37
CA ARG A 470 -31.59 -1.39 11.64
C ARG A 470 -30.63 -2.05 12.62
N PHE A 471 -29.79 -2.96 12.14
CA PHE A 471 -28.79 -3.61 12.99
C PHE A 471 -27.75 -2.62 13.49
N LEU A 472 -27.31 -1.69 12.62
CA LEU A 472 -26.27 -0.74 13.01
C LEU A 472 -26.76 0.23 14.07
N HIS A 473 -28.00 0.72 13.94
CA HIS A 473 -28.51 1.72 14.87
C HIS A 473 -29.07 1.12 16.15
N SER A 474 -29.27 -0.19 16.21
CA SER A 474 -29.74 -0.83 17.42
C SER A 474 -28.60 -1.40 18.27
N TRP A 475 -27.42 -1.59 17.70
CA TRP A 475 -26.31 -2.21 18.40
C TRP A 475 -25.07 -1.33 18.52
N THR A 476 -24.96 -0.25 17.74
CA THR A 476 -23.79 0.60 17.78
C THR A 476 -24.20 2.03 18.09
N ASN A 477 -23.22 2.83 18.52
CA ASN A 477 -23.39 4.26 18.69
C ASN A 477 -22.92 5.04 17.45
N LEU A 478 -22.79 4.35 16.32
CA LEU A 478 -22.25 4.98 15.12
C LEU A 478 -23.28 5.91 14.48
N ARG A 479 -22.81 7.05 14.02
CA ARG A 479 -23.64 8.01 13.28
C ARG A 479 -23.50 7.72 11.80
N LEU A 480 -24.46 6.99 11.25
CA LEU A 480 -24.43 6.67 9.83
C LEU A 480 -24.76 7.90 9.00
N GLN A 481 -23.96 8.13 7.97
CA GLN A 481 -24.16 9.25 7.05
C GLN A 481 -24.06 8.74 5.63
N THR A 482 -24.59 9.53 4.70
CA THR A 482 -24.45 9.26 3.27
C THR A 482 -24.03 10.55 2.58
N LEU A 483 -22.90 10.50 1.89
CA LEU A 483 -22.37 11.65 1.18
C LEU A 483 -22.38 11.41 -0.32
N PRO A 484 -22.43 12.47 -1.12
CA PRO A 484 -22.20 12.32 -2.55
C PRO A 484 -20.80 11.79 -2.81
N PRO A 485 -20.60 11.09 -3.94
CA PRO A 485 -19.30 10.44 -4.19
C PRO A 485 -18.12 11.40 -4.25
N VAL A 486 -18.32 12.65 -4.65
CA VAL A 486 -17.26 13.64 -4.56
C VAL A 486 -16.93 13.93 -3.09
N GLN A 487 -17.97 14.15 -2.28
CA GLN A 487 -17.77 14.38 -0.85
C GLN A 487 -17.27 13.13 -0.16
N LEU A 488 -17.72 11.96 -0.61
CA LEU A 488 -17.27 10.70 -0.03
C LEU A 488 -15.79 10.47 -0.30
N ALA A 489 -15.32 10.78 -1.51
CA ALA A 489 -13.92 10.56 -1.86
C ALA A 489 -13.01 11.53 -1.14
N GLN A 490 -13.43 12.78 -0.99
CA GLN A 490 -12.63 13.76 -0.25
C GLN A 490 -12.51 13.39 1.21
N LYS A 491 -13.57 12.83 1.78
CA LYS A 491 -13.52 12.32 3.16
C LYS A 491 -12.56 11.14 3.27
N TYR A 492 -12.48 10.31 2.21
CA TYR A 492 -11.61 9.14 2.26
C TYR A 492 -10.14 9.53 2.27
N PHE A 493 -9.74 10.47 1.41
CA PHE A 493 -8.34 10.86 1.31
C PHE A 493 -7.96 11.95 2.29
N GLN A 494 -8.91 12.44 3.09
CA GLN A 494 -8.56 13.19 4.28
C GLN A 494 -8.30 12.25 5.46
N ILE A 495 -9.11 11.19 5.58
CA ILE A 495 -8.87 10.19 6.61
C ILE A 495 -7.61 9.39 6.30
N PHE A 496 -7.51 8.88 5.07
CA PHE A 496 -6.35 8.10 4.64
C PHE A 496 -5.57 8.93 3.62
N SER A 497 -4.67 9.77 4.13
CA SER A 497 -3.83 10.58 3.26
C SER A 497 -2.59 9.84 2.79
N GLU A 498 -2.29 8.68 3.36
CA GLU A 498 -1.16 7.88 2.90
C GLU A 498 -1.48 7.07 1.65
N GLU A 499 -2.76 6.95 1.29
CA GLU A 499 -3.18 6.22 0.11
C GLU A 499 -3.36 7.12 -1.11
N LYS A 500 -3.03 8.40 -0.99
CA LYS A 500 -3.19 9.31 -2.13
C LYS A 500 -2.18 9.03 -3.24
N ASP A 501 -1.09 8.32 -2.94
CA ASP A 501 -0.14 7.90 -3.96
C ASP A 501 -0.36 6.43 -4.28
N PRO A 502 -0.52 6.08 -5.55
CA PRO A 502 -0.70 4.66 -5.90
C PRO A 502 0.58 3.86 -5.73
N LEU A 503 0.40 2.55 -5.60
CA LEU A 503 1.51 1.60 -5.51
C LEU A 503 1.39 0.65 -6.71
N TRP A 504 2.13 0.95 -7.77
CA TRP A 504 1.98 0.22 -9.02
C TRP A 504 2.51 -1.20 -8.92
N GLN A 505 1.87 -2.11 -9.63
CA GLN A 505 2.28 -3.51 -9.70
C GLN A 505 2.32 -3.95 -11.16
N ASP A 506 2.77 -5.19 -11.38
CA ASP A 506 2.84 -5.77 -12.71
C ASP A 506 1.50 -6.44 -13.03
N PRO A 507 0.80 -6.03 -14.10
CA PRO A 507 -0.49 -6.65 -14.42
C PRO A 507 -0.41 -8.13 -14.74
N CYS A 508 0.67 -8.60 -15.35
CA CYS A 508 0.76 -9.99 -15.78
C CYS A 508 1.12 -10.93 -14.63
N GLU A 509 1.41 -10.41 -13.44
CA GLU A 509 1.59 -11.27 -12.27
C GLU A 509 0.27 -11.70 -11.66
N ASP A 510 -0.84 -11.10 -12.05
CA ASP A 510 -2.16 -11.44 -11.54
C ASP A 510 -3.08 -11.74 -12.71
N LYS A 511 -3.79 -12.87 -12.64
CA LYS A 511 -4.68 -13.26 -13.72
C LYS A 511 -5.85 -12.29 -13.87
N ARG A 512 -6.38 -11.81 -12.75
CA ARG A 512 -7.49 -10.85 -12.79
C ARG A 512 -7.05 -9.52 -13.40
N HIS A 513 -5.84 -9.06 -13.06
CA HIS A 513 -5.34 -7.83 -13.65
C HIS A 513 -4.97 -8.01 -15.11
N LYS A 514 -4.55 -9.22 -15.50
CA LYS A 514 -4.21 -9.46 -16.90
C LYS A 514 -5.45 -9.52 -17.78
N ASP A 515 -6.57 -9.99 -17.24
CA ASP A 515 -7.79 -10.09 -18.03
C ASP A 515 -8.38 -8.74 -18.37
N ILE A 516 -8.21 -7.75 -17.49
CA ILE A 516 -8.75 -6.41 -17.71
C ILE A 516 -7.65 -5.45 -18.15
N TRP A 517 -6.53 -5.98 -18.64
CA TRP A 517 -5.50 -5.18 -19.27
C TRP A 517 -5.65 -5.26 -20.78
N SER A 518 -5.20 -4.21 -21.47
CA SER A 518 -5.33 -4.14 -22.92
C SER A 518 -4.49 -5.22 -23.60
N LYS A 519 -5.05 -5.83 -24.64
N LYS A 519 -5.05 -5.82 -24.64
CA LYS A 519 -4.35 -6.88 -25.36
CA LYS A 519 -4.35 -6.88 -25.37
C LYS A 519 -3.24 -6.36 -26.26
C LYS A 519 -3.25 -6.37 -26.28
N GLU A 520 -3.15 -5.05 -26.46
CA GLU A 520 -2.10 -4.45 -27.27
C GLU A 520 -0.85 -4.16 -26.44
N LYS A 521 -0.85 -4.49 -25.17
CA LYS A 521 0.29 -4.26 -24.28
C LYS A 521 0.92 -5.61 -23.92
N THR A 522 2.22 -5.74 -24.18
CA THR A 522 2.91 -6.98 -23.88
C THR A 522 3.25 -7.06 -22.39
N CYS A 523 3.69 -8.25 -21.97
CA CYS A 523 3.74 -8.58 -20.53
C CYS A 523 5.07 -8.23 -19.88
N ASP A 524 6.15 -8.84 -20.34
CA ASP A 524 7.44 -8.72 -19.67
C ASP A 524 8.30 -7.62 -20.30
N ARG A 525 7.74 -6.41 -20.31
CA ARG A 525 8.43 -5.23 -20.81
C ARG A 525 9.10 -4.44 -19.69
N PHE A 526 9.61 -5.15 -18.69
CA PHE A 526 10.16 -4.58 -17.47
C PHE A 526 11.56 -5.12 -17.24
N PRO A 527 12.44 -4.33 -16.62
CA PRO A 527 13.84 -4.75 -16.46
C PRO A 527 13.99 -5.78 -15.35
N LYS A 528 15.10 -6.52 -15.43
CA LYS A 528 15.44 -7.50 -14.41
C LYS A 528 16.61 -7.06 -13.55
N LEU A 529 17.27 -5.94 -13.88
CA LEU A 529 18.40 -5.44 -13.12
C LEU A 529 18.25 -3.93 -12.92
N LEU A 530 18.42 -3.48 -11.69
CA LEU A 530 18.39 -2.06 -11.35
C LEU A 530 19.75 -1.64 -10.82
N ILE A 531 20.34 -0.63 -11.45
CA ILE A 531 21.59 -0.03 -10.98
C ILE A 531 21.20 1.24 -10.23
N ILE A 532 21.16 1.14 -8.90
CA ILE A 532 20.56 2.20 -8.09
C ILE A 532 21.53 3.29 -7.67
N GLY A 533 22.83 3.08 -7.85
CA GLY A 533 23.80 4.09 -7.51
C GLY A 533 24.65 3.73 -6.32
N PRO A 534 25.06 4.73 -5.52
CA PRO A 534 24.78 6.17 -5.62
C PRO A 534 25.57 6.88 -6.70
N GLN A 535 25.41 8.20 -6.80
CA GLN A 535 26.06 8.96 -7.86
C GLN A 535 27.56 9.03 -7.63
N LYS A 536 28.28 9.19 -8.74
CA LYS A 536 29.74 9.37 -8.76
C LYS A 536 30.48 8.21 -8.11
N THR A 537 29.99 6.99 -8.34
CA THR A 537 30.67 5.78 -7.91
C THR A 537 31.15 4.92 -9.06
N GLY A 538 30.96 5.35 -10.30
CA GLY A 538 31.29 4.57 -11.47
C GLY A 538 30.14 3.84 -12.10
N THR A 539 28.91 4.38 -12.00
CA THR A 539 27.75 3.67 -12.51
C THR A 539 27.65 3.72 -14.03
N THR A 540 28.14 4.80 -14.65
CA THR A 540 28.07 4.91 -16.11
C THR A 540 29.03 3.94 -16.78
N ALA A 541 30.23 3.76 -16.21
CA ALA A 541 31.16 2.77 -16.75
C ALA A 541 30.63 1.36 -16.58
N LEU A 542 29.98 1.07 -15.45
CA LEU A 542 29.32 -0.21 -15.28
C LEU A 542 28.15 -0.35 -16.24
N TYR A 543 27.39 0.72 -16.47
CA TYR A 543 26.29 0.70 -17.42
C TYR A 543 26.78 0.52 -18.85
N LEU A 544 27.86 1.21 -19.23
CA LEU A 544 28.38 1.12 -20.58
C LEU A 544 29.05 -0.22 -20.86
N PHE A 545 29.58 -0.88 -19.84
CA PHE A 545 30.18 -2.20 -20.03
C PHE A 545 29.17 -3.33 -19.90
N LEU A 546 27.95 -3.04 -19.46
CA LEU A 546 26.90 -4.06 -19.43
C LEU A 546 26.15 -4.14 -20.75
N GLY A 547 26.00 -3.03 -21.45
CA GLY A 547 25.36 -3.04 -22.75
C GLY A 547 26.18 -3.70 -23.85
N MET A 548 27.49 -3.85 -23.65
CA MET A 548 28.31 -4.57 -24.61
C MET A 548 28.02 -6.07 -24.59
N HIS A 549 27.48 -6.57 -23.48
CA HIS A 549 27.11 -7.98 -23.40
C HIS A 549 25.94 -8.28 -24.33
N PRO A 550 26.01 -9.34 -25.14
CA PRO A 550 24.97 -9.58 -26.14
C PRO A 550 23.65 -10.03 -25.56
N ASP A 551 23.65 -10.71 -24.42
CA ASP A 551 22.42 -11.17 -23.79
C ASP A 551 21.69 -10.07 -23.03
N LEU A 552 22.33 -8.92 -22.81
CA LEU A 552 21.78 -7.86 -21.98
C LEU A 552 21.49 -6.64 -22.84
N SER A 553 20.30 -6.05 -22.66
CA SER A 553 19.86 -4.90 -23.43
C SER A 553 19.60 -3.73 -22.50
N SER A 554 19.98 -2.54 -22.92
CA SER A 554 19.73 -1.32 -22.17
C SER A 554 18.54 -0.58 -22.74
N ASN A 555 17.90 0.23 -21.89
CA ASN A 555 16.74 1.00 -22.29
C ASN A 555 17.14 2.15 -23.22
N TYR A 556 16.13 2.72 -23.89
CA TYR A 556 16.38 3.92 -24.67
C TYR A 556 16.71 5.08 -23.74
N PRO A 557 17.60 5.98 -24.14
CA PRO A 557 17.86 7.16 -23.31
C PRO A 557 16.66 8.10 -23.29
N SER A 558 16.51 8.80 -22.17
CA SER A 558 15.46 9.80 -22.06
C SER A 558 15.86 11.08 -22.77
N SER A 559 14.90 12.00 -22.89
CA SER A 559 15.16 13.26 -23.58
C SER A 559 16.10 14.16 -22.78
N GLU A 560 15.95 14.17 -21.46
CA GLU A 560 16.75 15.03 -20.60
C GLU A 560 17.64 14.28 -19.63
N THR A 561 17.14 13.23 -18.98
CA THR A 561 17.93 12.49 -18.01
C THR A 561 18.72 11.34 -18.65
N PHE A 562 18.63 11.18 -19.97
CA PHE A 562 19.42 10.23 -20.77
C PHE A 562 19.15 8.82 -20.28
N GLU A 563 20.17 8.04 -19.89
CA GLU A 563 19.95 6.65 -19.49
C GLU A 563 19.17 6.54 -18.19
N GLU A 564 19.15 7.58 -17.38
CA GLU A 564 18.38 7.58 -16.14
C GLU A 564 16.91 7.82 -16.44
N ILE A 565 16.05 6.97 -15.90
CA ILE A 565 14.61 7.14 -16.06
C ILE A 565 14.00 7.92 -14.91
N GLN A 566 14.48 7.64 -13.68
CA GLN A 566 14.00 8.26 -12.45
C GLN A 566 12.50 8.04 -12.26
N PHE A 567 12.08 6.79 -12.43
CA PHE A 567 10.66 6.45 -12.34
C PHE A 567 10.21 6.29 -10.90
N PHE A 568 10.96 5.53 -10.10
CA PHE A 568 10.52 5.13 -8.77
C PHE A 568 10.76 6.18 -7.69
N ASN A 569 11.40 7.31 -8.00
CA ASN A 569 11.81 8.24 -6.95
C ASN A 569 11.21 9.63 -7.11
N GLY A 570 10.19 9.79 -7.94
CA GLY A 570 9.61 11.10 -8.17
C GLY A 570 8.24 11.06 -8.78
N HIS A 571 7.89 12.16 -9.47
CA HIS A 571 6.58 12.30 -10.08
C HIS A 571 6.40 11.41 -11.30
N ASN A 572 7.48 10.84 -11.84
CA ASN A 572 7.38 9.90 -12.93
C ASN A 572 6.67 8.62 -12.52
N TYR A 573 6.65 8.29 -11.22
CA TYR A 573 5.84 7.18 -10.74
C TYR A 573 4.36 7.44 -10.95
N HIS A 574 3.94 8.71 -10.86
CA HIS A 574 2.56 9.08 -11.12
C HIS A 574 2.24 9.16 -12.62
N LYS A 575 3.24 9.11 -13.49
CA LYS A 575 2.97 9.08 -14.93
C LYS A 575 2.38 7.75 -15.36
N GLY A 576 2.60 6.69 -14.59
CA GLY A 576 2.03 5.38 -14.87
C GLY A 576 3.08 4.39 -15.33
N ILE A 577 2.67 3.12 -15.35
CA ILE A 577 3.58 2.05 -15.77
C ILE A 577 3.64 1.93 -17.29
N ASP A 578 2.67 2.48 -18.01
CA ASP A 578 2.73 2.45 -19.46
C ASP A 578 3.74 3.46 -19.99
N TRP A 579 3.95 4.55 -19.27
CA TRP A 579 5.06 5.43 -19.57
C TRP A 579 6.40 4.76 -19.27
N TYR A 580 6.44 3.92 -18.23
CA TYR A 580 7.69 3.25 -17.87
C TYR A 580 8.04 2.15 -18.87
N MET A 581 7.03 1.50 -19.45
CA MET A 581 7.26 0.45 -20.43
C MET A 581 7.76 0.96 -21.77
N GLU A 582 7.63 2.27 -22.04
CA GLU A 582 8.06 2.80 -23.33
C GLU A 582 9.58 2.85 -23.48
N PHE A 583 10.32 2.81 -22.37
CA PHE A 583 11.77 2.83 -22.44
C PHE A 583 12.36 1.46 -22.73
N PHE A 584 11.61 0.39 -22.49
CA PHE A 584 12.08 -0.98 -22.70
C PHE A 584 11.42 -1.55 -23.94
N PRO A 585 12.19 -2.10 -24.87
CA PRO A 585 11.61 -2.61 -26.12
C PRO A 585 10.67 -3.78 -25.89
N ILE A 586 9.80 -4.01 -26.88
CA ILE A 586 8.90 -5.14 -26.91
C ILE A 586 9.74 -6.42 -26.87
N PRO A 587 9.44 -7.36 -25.93
CA PRO A 587 10.28 -8.56 -25.76
C PRO A 587 10.48 -9.40 -27.01
N SER A 588 9.49 -9.39 -27.91
CA SER A 588 9.47 -10.12 -29.19
C SER A 588 9.69 -11.60 -28.90
N ASN A 589 10.45 -12.32 -29.74
CA ASN A 589 10.89 -13.67 -29.41
C ASN A 589 12.41 -13.84 -29.51
N THR A 590 12.97 -13.57 -30.69
CA THR A 590 14.39 -13.78 -30.95
C THR A 590 15.23 -12.55 -30.58
N THR A 591 15.21 -12.18 -29.31
CA THR A 591 15.95 -11.02 -28.83
C THR A 591 16.40 -11.28 -27.41
N SER A 592 17.36 -10.47 -26.96
CA SER A 592 17.82 -10.48 -25.57
C SER A 592 16.69 -10.04 -24.67
N ASP A 593 16.18 -10.96 -23.86
CA ASP A 593 15.05 -10.69 -22.97
C ASP A 593 15.46 -10.14 -21.62
N PHE A 594 16.76 -9.93 -21.38
CA PHE A 594 17.24 -9.36 -20.15
C PHE A 594 17.44 -7.85 -20.34
N TYR A 595 16.78 -7.06 -19.50
CA TYR A 595 16.82 -5.62 -19.61
C TYR A 595 17.27 -5.01 -18.29
N PHE A 596 18.00 -3.89 -18.39
CA PHE A 596 18.47 -3.18 -17.22
C PHE A 596 18.38 -1.69 -17.47
N GLU A 597 18.31 -0.93 -16.38
CA GLU A 597 18.35 0.53 -16.43
C GLU A 597 19.09 1.02 -15.20
N LYS A 598 19.76 2.16 -15.33
CA LYS A 598 20.45 2.77 -14.21
C LYS A 598 19.77 4.07 -13.82
N SER A 599 19.71 4.31 -12.50
CA SER A 599 19.24 5.58 -11.96
C SER A 599 19.91 5.74 -10.62
N ALA A 600 20.89 6.65 -10.53
CA ALA A 600 21.71 6.78 -9.34
C ALA A 600 20.97 7.41 -8.17
N ASN A 601 19.79 7.98 -8.40
CA ASN A 601 19.00 8.59 -7.34
C ASN A 601 18.13 7.59 -6.60
N TYR A 602 18.10 6.33 -7.03
CA TYR A 602 17.29 5.32 -6.36
C TYR A 602 17.89 4.86 -5.04
N PHE A 603 19.20 5.07 -4.86
CA PHE A 603 19.92 4.52 -3.70
C PHE A 603 19.41 5.12 -2.40
N ASP A 604 19.55 6.43 -2.24
CA ASP A 604 19.22 7.11 -1.01
C ASP A 604 17.76 7.49 -0.90
N SER A 605 16.96 7.27 -1.94
CA SER A 605 15.55 7.63 -1.91
C SER A 605 14.79 6.69 -0.97
N GLU A 606 13.79 7.24 -0.30
CA GLU A 606 13.02 6.48 0.69
C GLU A 606 11.83 5.76 0.08
N VAL A 607 11.19 6.35 -0.92
CA VAL A 607 10.03 5.74 -1.55
C VAL A 607 10.43 4.78 -2.67
N ALA A 608 11.61 4.96 -3.24
CA ALA A 608 12.05 4.11 -4.34
C ALA A 608 12.15 2.61 -4.04
N PRO A 609 12.68 2.14 -2.89
CA PRO A 609 12.74 0.68 -2.69
C PRO A 609 11.39 -0.03 -2.64
N ARG A 610 10.41 0.53 -1.92
CA ARG A 610 9.11 -0.14 -1.84
C ARG A 610 8.36 -0.06 -3.16
N ARG A 611 8.54 1.04 -3.91
CA ARG A 611 7.96 1.14 -5.24
C ARG A 611 8.60 0.15 -6.21
N ALA A 612 9.93 0.02 -6.15
CA ALA A 612 10.62 -0.91 -7.05
C ALA A 612 10.29 -2.35 -6.72
N ALA A 613 10.10 -2.67 -5.43
CA ALA A 613 9.74 -4.02 -5.06
C ALA A 613 8.30 -4.36 -5.44
N ALA A 614 7.44 -3.35 -5.49
CA ALA A 614 6.05 -3.59 -5.88
C ALA A 614 5.94 -3.90 -7.37
N LEU A 615 6.58 -3.09 -8.21
CA LEU A 615 6.52 -3.31 -9.65
C LEU A 615 7.44 -4.45 -10.08
N LEU A 616 8.63 -4.52 -9.50
CA LEU A 616 9.66 -5.49 -9.91
C LEU A 616 10.13 -6.27 -8.69
N PRO A 617 9.35 -7.23 -8.20
CA PRO A 617 9.79 -8.00 -7.02
C PRO A 617 10.91 -8.98 -7.31
N LYS A 618 11.13 -9.35 -8.58
CA LYS A 618 12.18 -10.30 -8.94
C LYS A 618 13.39 -9.62 -9.56
N ALA A 619 13.46 -8.30 -9.53
CA ALA A 619 14.59 -7.61 -10.11
C ALA A 619 15.84 -7.77 -9.23
N LYS A 620 17.00 -7.62 -9.85
CA LYS A 620 18.27 -7.67 -9.15
C LYS A 620 18.77 -6.24 -8.94
N VAL A 621 19.31 -5.99 -7.76
CA VAL A 621 19.71 -4.65 -7.34
C VAL A 621 21.23 -4.57 -7.38
N LEU A 622 21.76 -3.54 -8.02
CA LEU A 622 23.20 -3.36 -8.15
C LEU A 622 23.59 -1.99 -7.61
N THR A 623 24.24 -1.97 -6.45
CA THR A 623 24.74 -0.75 -5.84
C THR A 623 26.24 -0.88 -5.69
N ILE A 624 26.97 0.12 -6.17
CA ILE A 624 28.43 0.11 -6.13
C ILE A 624 28.91 1.22 -5.21
N LEU A 625 29.99 0.96 -4.48
CA LEU A 625 30.47 1.85 -3.45
C LEU A 625 31.95 2.17 -3.65
N ILE A 626 32.31 3.43 -3.43
CA ILE A 626 33.70 3.84 -3.30
C ILE A 626 33.84 4.45 -1.91
N ASN A 627 35.01 4.97 -1.58
CA ASN A 627 35.21 5.62 -0.30
C ASN A 627 34.32 6.86 -0.22
N PRO A 628 33.47 6.98 0.80
CA PRO A 628 32.48 8.08 0.81
C PRO A 628 33.10 9.45 0.97
N ALA A 629 34.31 9.54 1.52
CA ALA A 629 35.06 10.80 1.46
C ALA A 629 35.36 11.17 0.02
N ASP A 630 35.77 10.19 -0.78
CA ASP A 630 36.05 10.44 -2.19
C ASP A 630 34.76 10.62 -2.98
N ARG A 631 33.70 9.89 -2.62
CA ARG A 631 32.42 10.06 -3.31
C ARG A 631 31.84 11.44 -3.07
N ALA A 632 31.93 11.93 -1.83
CA ALA A 632 31.47 13.28 -1.53
C ALA A 632 32.29 14.33 -2.28
N TYR A 633 33.60 14.10 -2.38
CA TYR A 633 34.46 15.06 -3.07
C TYR A 633 34.20 15.06 -4.57
N SER A 634 34.05 13.89 -5.18
CA SER A 634 33.79 13.80 -6.61
C SER A 634 32.42 14.38 -6.94
N TRP A 635 31.42 14.10 -6.13
CA TRP A 635 30.08 14.65 -6.33
C TRP A 635 30.07 16.15 -6.07
N TYR A 636 30.94 16.63 -5.17
CA TYR A 636 31.12 18.08 -5.04
C TYR A 636 31.78 18.66 -6.29
N GLN A 637 32.82 18.01 -6.81
CA GLN A 637 33.52 18.54 -7.98
C GLN A 637 32.69 18.37 -9.25
N HIS A 638 31.81 17.38 -9.28
CA HIS A 638 30.90 17.23 -10.40
C HIS A 638 29.90 18.37 -10.46
N GLN A 639 29.41 18.80 -9.30
CA GLN A 639 28.52 19.96 -9.25
C GLN A 639 29.25 21.23 -9.66
N ARG A 640 30.53 21.34 -9.33
CA ARG A 640 31.34 22.46 -9.82
C ARG A 640 31.46 22.42 -11.34
N ALA A 641 31.57 21.22 -11.91
CA ALA A 641 31.68 21.07 -13.35
C ALA A 641 30.37 21.31 -14.08
N HIS A 642 29.24 21.20 -13.38
CA HIS A 642 27.94 21.49 -13.96
C HIS A 642 27.49 22.93 -13.69
N ASP A 643 28.43 23.80 -13.29
CA ASP A 643 28.19 25.23 -13.05
C ASP A 643 27.12 25.47 -11.99
N ASP A 644 27.03 24.57 -11.00
CA ASP A 644 26.16 24.82 -9.86
C ASP A 644 26.73 25.98 -9.04
N PRO A 645 25.94 27.01 -8.75
CA PRO A 645 26.52 28.24 -8.21
C PRO A 645 26.88 28.22 -6.74
N VAL A 646 26.33 27.29 -5.97
CA VAL A 646 26.69 27.21 -4.56
C VAL A 646 27.89 26.29 -4.35
N ALA A 647 28.14 25.36 -5.28
CA ALA A 647 29.37 24.57 -5.22
C ALA A 647 30.56 25.40 -5.66
N LEU A 648 30.36 26.32 -6.60
CA LEU A 648 31.42 27.22 -7.04
C LEU A 648 31.68 28.35 -6.05
N LYS A 649 30.69 28.72 -5.23
CA LYS A 649 30.85 29.80 -4.27
C LYS A 649 31.59 29.37 -3.02
N TYR A 650 31.44 28.11 -2.60
CA TYR A 650 31.99 27.64 -1.34
C TYR A 650 32.98 26.51 -1.59
N THR A 651 34.09 26.54 -0.85
CA THR A 651 35.06 25.47 -0.91
C THR A 651 34.49 24.19 -0.30
N PHE A 652 35.17 23.07 -0.56
CA PHE A 652 34.69 21.78 -0.07
C PHE A 652 34.74 21.71 1.44
N HIS A 653 35.72 22.37 2.06
CA HIS A 653 35.75 22.45 3.52
C HIS A 653 34.60 23.28 4.05
N GLU A 654 34.26 24.38 3.37
CA GLU A 654 33.14 25.22 3.80
C GLU A 654 31.80 24.50 3.60
N VAL A 655 31.70 23.66 2.57
CA VAL A 655 30.47 22.90 2.35
C VAL A 655 30.26 21.88 3.45
N ILE A 656 31.31 21.17 3.85
CA ILE A 656 31.14 20.15 4.88
C ILE A 656 31.12 20.74 6.29
N THR A 657 31.69 21.93 6.49
CA THR A 657 31.59 22.64 7.77
C THR A 657 30.43 23.63 7.79
N ALA A 658 29.36 23.35 7.04
CA ALA A 658 28.24 24.28 6.95
C ALA A 658 27.42 24.23 8.23
N GLY A 659 27.29 25.37 8.89
CA GLY A 659 26.46 25.46 10.08
C GLY A 659 24.99 25.59 9.74
N SER A 660 24.18 25.60 10.79
CA SER A 660 22.74 25.76 10.60
C SER A 660 22.39 27.16 10.11
N ASP A 661 23.17 28.17 10.51
CA ASP A 661 22.92 29.54 10.10
C ASP A 661 23.64 29.83 8.78
N ALA A 662 23.13 29.18 7.73
CA ALA A 662 23.64 29.37 6.38
C ALA A 662 22.49 29.24 5.39
N SER A 663 22.81 29.36 4.11
CA SER A 663 21.79 29.30 3.07
C SER A 663 21.25 27.89 2.91
N SER A 664 20.01 27.79 2.40
CA SER A 664 19.40 26.50 2.18
C SER A 664 19.98 25.79 0.96
N LYS A 665 20.53 26.56 0.01
CA LYS A 665 21.23 25.96 -1.13
C LYS A 665 22.46 25.21 -0.67
N LEU A 666 23.21 25.79 0.28
CA LEU A 666 24.38 25.12 0.84
C LEU A 666 23.99 23.87 1.62
N ARG A 667 22.87 23.92 2.33
CA ARG A 667 22.42 22.76 3.10
C ARG A 667 21.95 21.65 2.17
N ALA A 668 21.34 22.00 1.05
CA ALA A 668 20.94 20.99 0.07
C ALA A 668 22.15 20.33 -0.56
N LEU A 669 23.20 21.12 -0.87
CA LEU A 669 24.43 20.55 -1.42
C LEU A 669 25.15 19.70 -0.39
N GLN A 670 25.20 20.17 0.87
CA GLN A 670 25.84 19.39 1.93
C GLN A 670 25.08 18.10 2.20
N ASN A 671 23.74 18.15 2.15
CA ASN A 671 22.94 16.94 2.27
C ASN A 671 23.19 16.01 1.10
N ARG A 672 23.37 16.57 -0.10
CA ARG A 672 23.65 15.76 -1.29
C ARG A 672 25.04 15.13 -1.24
N CYS A 673 26.00 15.82 -0.65
CA CYS A 673 27.36 15.28 -0.57
C CYS A 673 27.49 14.21 0.50
N LEU A 674 26.82 14.38 1.65
CA LEU A 674 27.11 13.58 2.82
C LEU A 674 26.13 12.43 3.04
N VAL A 675 24.84 12.67 2.94
CA VAL A 675 23.80 11.66 3.22
C VAL A 675 23.86 10.47 2.27
N PRO A 676 24.09 10.63 0.95
CA PRO A 676 24.37 9.43 0.13
C PRO A 676 25.61 8.66 0.56
N GLY A 677 26.57 9.32 1.22
CA GLY A 677 27.70 8.62 1.79
C GLY A 677 27.35 7.74 2.98
N TRP A 678 26.14 7.87 3.54
CA TRP A 678 25.67 6.98 4.60
C TRP A 678 25.23 5.68 3.94
N TYR A 679 26.20 4.85 3.59
CA TYR A 679 25.92 3.64 2.81
C TYR A 679 25.10 2.64 3.60
N ALA A 680 25.33 2.55 4.91
CA ALA A 680 24.60 1.58 5.74
C ALA A 680 23.12 1.93 5.83
N THR A 681 22.80 3.23 5.84
CA THR A 681 21.41 3.66 5.96
C THR A 681 20.60 3.27 4.73
N HIS A 682 21.13 3.59 3.54
CA HIS A 682 20.36 3.44 2.31
C HIS A 682 20.27 1.99 1.87
N ILE A 683 21.31 1.20 2.13
CA ILE A 683 21.27 -0.23 1.82
C ILE A 683 20.25 -0.94 2.69
N GLU A 684 20.14 -0.53 3.96
CA GLU A 684 19.15 -1.10 4.86
C GLU A 684 17.72 -0.78 4.42
N ARG A 685 17.52 0.36 3.75
CA ARG A 685 16.23 0.64 3.13
C ARG A 685 15.93 -0.36 2.02
N TRP A 686 16.94 -0.66 1.18
CA TRP A 686 16.76 -1.64 0.12
C TRP A 686 16.72 -3.05 0.66
N LEU A 687 17.29 -3.29 1.85
CA LEU A 687 17.17 -4.60 2.49
C LEU A 687 15.74 -4.87 2.95
N SER A 688 14.99 -3.81 3.27
CA SER A 688 13.59 -3.99 3.67
C SER A 688 12.70 -4.34 2.49
N ALA A 689 13.13 -4.03 1.26
CA ALA A 689 12.33 -4.27 0.07
C ALA A 689 12.77 -5.47 -0.74
N TYR A 690 14.08 -5.70 -0.85
CA TYR A 690 14.63 -6.80 -1.62
C TYR A 690 15.39 -7.75 -0.71
N HIS A 691 15.45 -9.02 -1.12
CA HIS A 691 16.25 -10.00 -0.41
C HIS A 691 17.74 -9.70 -0.60
N ALA A 692 18.56 -10.28 0.28
CA ALA A 692 19.99 -10.02 0.25
C ALA A 692 20.66 -10.58 -1.00
N ASN A 693 20.20 -11.73 -1.49
CA ASN A 693 20.81 -12.33 -2.67
C ASN A 693 20.47 -11.61 -3.97
N GLN A 694 19.45 -10.75 -3.96
CA GLN A 694 19.11 -9.94 -5.12
C GLN A 694 19.87 -8.63 -5.16
N ILE A 695 20.70 -8.36 -4.15
CA ILE A 695 21.51 -7.14 -4.08
C ILE A 695 22.98 -7.54 -4.08
N LEU A 696 23.76 -6.90 -4.95
CA LEU A 696 25.19 -7.12 -4.99
C LEU A 696 25.90 -5.79 -4.80
N VAL A 697 26.88 -5.78 -3.91
CA VAL A 697 27.64 -4.58 -3.57
C VAL A 697 29.02 -4.72 -4.18
N LEU A 698 29.35 -3.85 -5.12
CA LEU A 698 30.65 -3.87 -5.77
C LEU A 698 31.58 -2.83 -5.16
N ASP A 699 32.87 -3.05 -5.36
CA ASP A 699 33.90 -2.08 -5.00
C ASP A 699 34.18 -1.22 -6.23
N GLY A 700 33.84 0.07 -6.15
CA GLY A 700 34.08 0.96 -7.27
C GLY A 700 35.53 1.29 -7.50
N LYS A 701 36.37 1.15 -6.47
CA LYS A 701 37.81 1.29 -6.66
C LYS A 701 38.38 0.06 -7.36
N LEU A 702 37.82 -1.12 -7.08
CA LEU A 702 38.18 -2.31 -7.84
C LEU A 702 37.75 -2.19 -9.29
N LEU A 703 36.55 -1.64 -9.52
CA LEU A 703 36.10 -1.35 -10.88
C LEU A 703 36.98 -0.33 -11.56
N ARG A 704 37.55 0.60 -10.78
CA ARG A 704 38.47 1.58 -11.34
C ARG A 704 39.76 0.92 -11.83
N THR A 705 40.27 -0.07 -11.09
CA THR A 705 41.54 -0.70 -11.41
C THR A 705 41.38 -1.98 -12.22
N GLU A 706 40.63 -2.95 -11.70
CA GLU A 706 40.43 -4.24 -12.38
C GLU A 706 38.94 -4.42 -12.64
N PRO A 707 38.43 -3.97 -13.78
CA PRO A 707 37.00 -4.12 -14.05
C PRO A 707 36.66 -5.48 -14.64
N ALA A 708 37.67 -6.16 -15.19
CA ALA A 708 37.44 -7.47 -15.80
C ALA A 708 37.04 -8.51 -14.76
N LYS A 709 37.66 -8.48 -13.59
CA LYS A 709 37.22 -9.37 -12.51
C LYS A 709 35.92 -8.87 -11.90
N VAL A 710 35.69 -7.56 -11.93
CA VAL A 710 34.41 -7.01 -11.47
C VAL A 710 33.27 -7.50 -12.36
N MET A 711 33.46 -7.42 -13.69
CA MET A 711 32.42 -7.85 -14.63
C MET A 711 32.18 -9.34 -14.59
N ASP A 712 33.19 -10.14 -14.22
CA ASP A 712 32.97 -11.56 -14.02
C ASP A 712 32.05 -11.80 -12.82
N MET A 713 32.25 -11.05 -11.74
CA MET A 713 31.35 -11.13 -10.60
C MET A 713 29.94 -10.67 -10.97
N VAL A 714 29.83 -9.66 -11.85
CA VAL A 714 28.53 -9.18 -12.29
C VAL A 714 27.80 -10.26 -13.11
N GLN A 715 28.51 -10.91 -14.03
CA GLN A 715 27.89 -11.92 -14.87
C GLN A 715 27.46 -13.14 -14.08
N LYS A 716 28.27 -13.55 -13.10
CA LYS A 716 27.86 -14.64 -12.22
C LYS A 716 26.74 -14.21 -11.27
N PHE A 717 26.61 -12.91 -11.01
CA PHE A 717 25.46 -12.39 -10.28
C PHE A 717 24.21 -12.38 -11.13
N LEU A 718 24.34 -12.00 -12.41
CA LEU A 718 23.21 -11.92 -13.32
C LEU A 718 22.86 -13.25 -13.98
N GLY A 719 23.76 -14.24 -13.92
CA GLY A 719 23.49 -15.55 -14.48
C GLY A 719 23.33 -15.60 -15.99
N VAL A 720 24.17 -14.87 -16.71
CA VAL A 720 24.12 -14.83 -18.18
C VAL A 720 24.65 -16.13 -18.76
N THR A 721 24.43 -16.34 -20.06
CA THR A 721 24.93 -17.51 -20.77
C THR A 721 26.16 -17.20 -21.62
N ASN A 722 26.10 -16.15 -22.43
CA ASN A 722 27.22 -15.76 -23.28
C ASN A 722 28.18 -14.88 -22.49
N THR A 723 28.97 -15.55 -21.64
CA THR A 723 29.92 -14.87 -20.76
C THR A 723 31.04 -14.21 -21.58
N ILE A 724 31.04 -12.88 -21.61
CA ILE A 724 32.02 -12.14 -22.39
C ILE A 724 33.38 -12.20 -21.71
N ASP A 725 34.40 -12.57 -22.47
CA ASP A 725 35.77 -12.46 -21.98
C ASP A 725 36.17 -10.99 -21.97
N TYR A 726 35.93 -10.30 -20.85
CA TYR A 726 36.21 -8.88 -20.77
C TYR A 726 37.70 -8.58 -20.63
N HIS A 727 38.54 -9.60 -20.40
CA HIS A 727 39.98 -9.38 -20.34
C HIS A 727 40.52 -8.95 -21.70
N LYS A 728 40.11 -9.65 -22.76
CA LYS A 728 40.47 -9.25 -24.11
C LYS A 728 39.54 -8.18 -24.68
N THR A 729 38.41 -7.93 -24.04
CA THR A 729 37.46 -6.92 -24.51
C THR A 729 37.70 -5.55 -23.90
N LEU A 730 38.16 -5.48 -22.65
CA LEU A 730 38.50 -4.23 -22.02
C LEU A 730 40.00 -4.01 -22.07
N ALA A 731 40.40 -2.82 -22.47
CA ALA A 731 41.81 -2.43 -22.52
C ALA A 731 41.99 -1.14 -21.73
N PHE A 732 43.04 -1.10 -20.92
CA PHE A 732 43.33 0.10 -20.13
C PHE A 732 43.85 1.20 -21.04
N ASP A 733 43.31 2.40 -20.88
CA ASP A 733 43.71 3.54 -21.69
C ASP A 733 44.59 4.44 -20.86
N PRO A 734 45.90 4.54 -21.14
CA PRO A 734 46.77 5.44 -20.37
C PRO A 734 46.40 6.91 -20.50
N LYS A 735 45.88 7.33 -21.67
CA LYS A 735 45.46 8.71 -21.83
C LYS A 735 44.21 9.02 -21.00
N LYS A 736 43.28 8.08 -20.93
CA LYS A 736 42.08 8.26 -20.12
C LYS A 736 42.36 8.08 -18.64
N GLY A 737 43.26 7.17 -18.28
CA GLY A 737 43.48 6.83 -16.90
C GLY A 737 42.57 5.73 -16.38
N PHE A 738 41.63 5.26 -17.20
CA PHE A 738 40.71 4.22 -16.80
C PHE A 738 40.70 3.10 -17.84
N TRP A 739 39.79 2.15 -17.69
CA TRP A 739 39.64 1.07 -18.67
C TRP A 739 38.56 1.42 -19.67
N CYS A 740 38.82 1.11 -20.94
CA CYS A 740 37.89 1.41 -22.03
C CYS A 740 37.71 0.16 -22.88
N GLN A 741 36.97 0.31 -23.97
CA GLN A 741 36.74 -0.79 -24.90
C GLN A 741 38.00 -1.11 -25.69
N LEU A 742 38.10 -2.36 -26.15
CA LEU A 742 39.13 -2.78 -27.09
C LEU A 742 38.40 -3.18 -28.37
N LEU A 743 38.23 -2.21 -29.27
CA LEU A 743 37.57 -2.46 -30.54
C LEU A 743 38.54 -3.11 -31.51
N GLU A 744 38.01 -3.52 -32.66
CA GLU A 744 38.83 -4.14 -33.69
C GLU A 744 39.79 -3.11 -34.29
N GLY A 745 41.04 -3.53 -34.51
CA GLY A 745 42.06 -2.64 -34.99
C GLY A 745 42.81 -1.88 -33.91
N GLY A 746 42.59 -2.20 -32.64
CA GLY A 746 43.26 -1.53 -31.55
C GLY A 746 42.63 -0.23 -31.11
N LYS A 747 41.51 0.17 -31.70
CA LYS A 747 40.85 1.41 -31.31
C LYS A 747 40.18 1.25 -29.95
N THR A 748 40.21 2.32 -29.15
CA THR A 748 39.62 2.32 -27.83
C THR A 748 38.46 3.30 -27.77
N LYS A 749 37.36 2.86 -27.17
CA LYS A 749 36.17 3.69 -26.97
C LYS A 749 36.00 3.92 -25.48
N CYS A 750 36.22 5.16 -25.05
CA CYS A 750 36.17 5.54 -23.64
C CYS A 750 34.88 6.32 -23.37
N LEU A 751 34.68 6.67 -22.10
CA LEU A 751 33.56 7.51 -21.70
C LEU A 751 33.85 8.96 -22.07
N GLY A 752 32.88 9.84 -21.81
CA GLY A 752 33.05 11.24 -22.08
C GLY A 752 33.90 11.93 -21.04
N LYS A 753 34.05 13.24 -21.21
CA LYS A 753 34.80 14.05 -20.26
C LYS A 753 34.09 14.18 -18.92
N SER A 754 32.77 13.95 -18.88
CA SER A 754 32.04 14.05 -17.63
C SER A 754 32.37 12.91 -16.68
N LYS A 755 32.68 11.73 -17.20
CA LYS A 755 32.99 10.58 -16.38
C LYS A 755 34.50 10.41 -16.29
N GLY A 756 35.01 10.31 -15.06
CA GLY A 756 36.44 10.23 -14.85
C GLY A 756 37.13 11.56 -14.99
N ARG A 757 36.67 12.56 -14.24
CA ARG A 757 37.21 13.91 -14.34
C ARG A 757 38.58 14.01 -13.68
N LYS A 758 39.20 15.17 -13.83
CA LYS A 758 40.46 15.50 -13.15
C LYS A 758 40.27 16.78 -12.36
N TYR A 759 40.69 16.76 -11.11
CA TYR A 759 40.54 17.90 -10.21
C TYR A 759 41.65 17.84 -9.17
N PRO A 760 41.96 18.96 -8.50
CA PRO A 760 42.96 18.92 -7.42
C PRO A 760 42.52 18.04 -6.27
N GLU A 761 43.51 17.48 -5.58
CA GLU A 761 43.25 16.52 -4.52
C GLU A 761 42.58 17.18 -3.32
N MET A 762 41.92 16.36 -2.51
CA MET A 762 41.27 16.83 -1.30
C MET A 762 42.31 17.27 -0.28
N ASP A 763 42.06 18.40 0.36
CA ASP A 763 42.98 18.88 1.39
C ASP A 763 42.84 18.05 2.66
N LEU A 764 43.82 18.20 3.55
CA LEU A 764 43.91 17.32 4.71
C LEU A 764 42.84 17.60 5.74
N ASP A 765 42.41 18.85 5.88
CA ASP A 765 41.38 19.20 6.85
C ASP A 765 40.04 18.59 6.47
N SER A 766 39.68 18.67 5.18
CA SER A 766 38.42 18.09 4.73
C SER A 766 38.46 16.57 4.79
N ARG A 767 39.61 15.98 4.49
CA ARG A 767 39.76 14.52 4.61
C ARG A 767 39.66 14.09 6.07
N ALA A 768 40.21 14.90 6.99
CA ALA A 768 40.13 14.58 8.41
C ALA A 768 38.69 14.67 8.92
N PHE A 769 37.93 15.65 8.43
CA PHE A 769 36.51 15.73 8.77
C PHE A 769 35.75 14.53 8.23
N LEU A 770 35.98 14.18 6.97
CA LEU A 770 35.26 13.04 6.40
C LEU A 770 35.76 11.71 6.95
N LYS A 771 36.91 11.71 7.64
CA LYS A 771 37.32 10.49 8.32
C LYS A 771 36.54 10.26 9.60
N ASP A 772 36.34 11.32 10.41
CA ASP A 772 35.59 11.13 11.66
C ASP A 772 34.08 11.23 11.45
N TYR A 773 33.63 11.85 10.37
CA TYR A 773 32.19 11.90 10.10
C TYR A 773 31.65 10.53 9.73
N TYR A 774 32.36 9.81 8.87
CA TYR A 774 31.89 8.52 8.37
C TYR A 774 32.37 7.35 9.21
N ARG A 775 33.05 7.61 10.34
CA ARG A 775 33.66 6.52 11.10
C ARG A 775 32.61 5.57 11.67
N ASP A 776 31.57 6.11 12.32
CA ASP A 776 30.49 5.26 12.78
C ASP A 776 29.65 4.73 11.63
N HIS A 777 29.56 5.49 10.54
CA HIS A 777 28.86 5.02 9.35
C HIS A 777 29.58 3.84 8.70
N ASN A 778 30.91 3.91 8.61
CA ASN A 778 31.67 2.81 8.02
C ASN A 778 31.66 1.57 8.90
N ILE A 779 31.66 1.76 10.22
CA ILE A 779 31.58 0.63 11.14
C ILE A 779 30.21 -0.05 11.02
N GLU A 780 29.14 0.74 10.93
CA GLU A 780 27.83 0.17 10.69
C GLU A 780 27.75 -0.49 9.32
N LEU A 781 28.40 0.10 8.32
CA LEU A 781 28.45 -0.48 6.99
C LEU A 781 29.21 -1.81 6.98
N SER A 782 30.31 -1.88 7.75
CA SER A 782 31.08 -3.11 7.82
C SER A 782 30.28 -4.24 8.48
N LYS A 783 29.54 -3.92 9.53
CA LYS A 783 28.68 -4.92 10.16
C LYS A 783 27.53 -5.31 9.25
N LEU A 784 26.99 -4.35 8.48
CA LEU A 784 25.89 -4.63 7.58
C LEU A 784 26.32 -5.56 6.44
N LEU A 785 27.45 -5.24 5.81
CA LEU A 785 27.94 -6.07 4.71
C LEU A 785 28.41 -7.43 5.20
N TYR A 786 28.87 -7.52 6.44
CA TYR A 786 29.20 -8.82 7.02
C TYR A 786 27.94 -9.64 7.26
N LYS A 787 26.83 -8.99 7.61
CA LYS A 787 25.57 -9.69 7.82
C LYS A 787 25.00 -10.21 6.50
N MET A 788 25.15 -9.44 5.42
CA MET A 788 24.64 -9.84 4.12
C MET A 788 25.46 -10.96 3.49
N GLY A 789 26.66 -11.24 4.00
CA GLY A 789 27.51 -12.23 3.40
C GLY A 789 28.30 -11.74 2.20
N GLN A 790 28.29 -10.45 1.92
CA GLN A 790 29.01 -9.89 0.80
C GLN A 790 30.38 -9.39 1.26
N THR A 791 31.37 -9.53 0.38
CA THR A 791 32.74 -9.19 0.74
C THR A 791 32.89 -7.68 0.95
N LEU A 792 33.67 -7.31 1.97
CA LEU A 792 33.92 -5.92 2.24
C LEU A 792 34.83 -5.32 1.17
N PRO A 793 34.58 -4.07 0.79
CA PRO A 793 35.45 -3.42 -0.21
C PRO A 793 36.84 -3.16 0.35
N THR A 794 37.78 -2.92 -0.58
CA THR A 794 39.17 -2.69 -0.20
C THR A 794 39.33 -1.40 0.58
N TRP A 795 38.59 -0.35 0.20
CA TRP A 795 38.65 0.90 0.96
C TRP A 795 38.04 0.75 2.35
N LEU A 796 37.02 -0.10 2.49
CA LEU A 796 36.39 -0.28 3.79
C LEU A 796 37.30 -1.01 4.75
N ARG A 797 37.96 -2.08 4.28
CA ARG A 797 38.91 -2.79 5.14
C ARG A 797 40.14 -1.94 5.43
N GLU A 798 40.56 -1.10 4.48
CA GLU A 798 41.66 -0.17 4.73
C GLU A 798 41.27 0.86 5.79
N ASP A 799 40.04 1.38 5.73
CA ASP A 799 39.60 2.41 6.67
C ASP A 799 39.45 1.86 8.08
N LEU A 800 39.08 0.57 8.21
CA LEU A 800 39.06 -0.05 9.53
C LEU A 800 40.46 -0.25 10.07
N GLN A 801 41.44 -0.54 9.20
CA GLN A 801 42.82 -0.68 9.64
C GLN A 801 43.40 0.66 10.09
N ASN A 802 43.03 1.74 9.42
CA ASN A 802 43.45 3.07 9.86
C ASN A 802 42.79 3.46 11.16
N THR A 803 41.57 2.97 11.42
CA THR A 803 40.92 3.20 12.70
C THR A 803 41.62 2.43 13.82
N ARG A 804 42.11 1.23 13.51
CA ARG A 804 42.83 0.41 14.48
C ARG A 804 44.25 0.95 14.70
P1 A3P B . 35.27 11.19 -11.27
O1P A3P B . 34.48 11.48 -12.48
O2P A3P B . 36.83 11.15 -11.64
O3P A3P B . 35.01 12.34 -10.19
P2 A3P B . 29.59 8.07 -12.37
O4P A3P B . 29.30 9.51 -12.48
O5P A3P B . 29.89 7.46 -13.83
O6P A3P B . 28.33 7.31 -11.72
O5' A3P B . 30.88 7.83 -11.44
C5' A3P B . 31.91 8.72 -11.90
C4' A3P B . 33.22 8.12 -11.45
O4' A3P B . 33.43 6.87 -12.13
C3' A3P B . 34.48 8.91 -11.78
O3' A3P B . 34.82 9.77 -10.66
C2' A3P B . 35.58 7.85 -11.98
O2' A3P B . 36.51 7.89 -10.91
C1' A3P B . 34.78 6.54 -11.95
N9 A3P B . 35.15 5.55 -12.96
C8 A3P B . 35.48 4.24 -12.73
N7 A3P B . 35.78 3.56 -13.81
C5 A3P B . 35.62 4.48 -14.83
C6 A3P B . 35.77 4.39 -16.22
N6 A3P B . 36.14 3.27 -16.86
N1 A3P B . 35.53 5.50 -16.96
C2 A3P B . 35.17 6.62 -16.33
N3 A3P B . 34.98 6.83 -15.03
C4 A3P B . 35.23 5.72 -14.33
CA CA C . -21.79 -3.27 -14.59
CA CA D . -21.52 -6.54 -12.92
#